data_3LD2
#
_entry.id   3LD2
#
_cell.length_a   92.000
_cell.length_b   95.000
_cell.length_c   192.200
_cell.angle_alpha   90.00
_cell.angle_beta   90.00
_cell.angle_gamma   90.00
#
_symmetry.space_group_name_H-M   'C 2 2 21'
#
loop_
_entity.id
_entity.type
_entity.pdbx_description
1 polymer 'Putative acetyltransferase'
2 non-polymer 'COENZYME A'
3 water water
#
_entity_poly.entity_id   1
_entity_poly.type   'polypeptide(L)'
_entity_poly.pdbx_seq_one_letter_code
;(MSE)GSSHHHHHHSSGLVPRGSH(MSE)AS(MSE)TGGQQ(MSE)GRGS(MSE)KISP(MSE)LLSDIEQVVELENKTW
SEQNTPVPLPVASKDQIIQKFESNTHFLVAKIKDKIVGVLDYSSLYPFPSGQHIVTFGIAVAEKERRKGIGRALVQIFLN
EVKSDYQKVLIHVLSSNQEAVLFYKKLGFDLEARLTKQFFLKGQYVDDLIYSYDLEAAYAK
;
_entity_poly.pdbx_strand_id   A,B,C,D
#
loop_
_chem_comp.id
_chem_comp.type
_chem_comp.name
_chem_comp.formula
COA non-polymer 'COENZYME A' 'C21 H36 N7 O16 P3 S'
#
# COMPACT_ATOMS: atom_id res chain seq x y z
N SER A 34 -9.30 9.74 -5.60
CA SER A 34 -9.97 10.01 -4.33
C SER A 34 -8.98 9.99 -3.18
N MSE A 35 -9.29 10.77 -2.15
CA MSE A 35 -8.36 11.01 -1.07
C MSE A 35 -8.58 10.04 0.10
O MSE A 35 -9.71 9.84 0.56
CB MSE A 35 -8.52 12.47 -0.62
CG MSE A 35 -7.33 13.01 0.16
SE MSE A 35 -7.60 12.88 2.08
CE MSE A 35 -9.21 14.00 2.29
N LYS A 36 -7.50 9.43 0.58
CA LYS A 36 -7.64 8.55 1.74
C LYS A 36 -6.63 8.86 2.84
N ILE A 37 -7.09 8.71 4.07
CA ILE A 37 -6.22 8.87 5.23
C ILE A 37 -5.94 7.52 5.86
N SER A 38 -4.68 7.34 6.26
CA SER A 38 -4.23 6.05 6.71
C SER A 38 -3.03 6.22 7.64
N PRO A 39 -2.70 5.16 8.41
CA PRO A 39 -1.52 5.16 9.30
C PRO A 39 -0.24 5.28 8.47
N MSE A 40 0.75 6.01 8.96
CA MSE A 40 2.00 6.14 8.21
C MSE A 40 2.81 4.83 8.23
O MSE A 40 2.95 4.18 9.26
CB MSE A 40 2.84 7.29 8.78
CG MSE A 40 4.10 7.57 7.97
SE MSE A 40 5.42 8.80 8.79
CE MSE A 40 6.20 7.64 10.20
N LEU A 41 3.34 4.47 7.07
CA LEU A 41 4.17 3.29 6.92
C LEU A 41 5.62 3.62 7.04
N LEU A 42 6.40 2.63 7.46
CA LEU A 42 7.82 2.82 7.56
C LEU A 42 8.30 3.21 6.18
N SER A 43 7.70 2.60 5.16
CA SER A 43 8.13 2.86 3.79
C SER A 43 7.67 4.22 3.24
N ASP A 44 6.78 4.90 3.97
CA ASP A 44 6.33 6.26 3.62
C ASP A 44 7.28 7.37 4.07
N ILE A 45 8.27 7.04 4.89
CA ILE A 45 9.05 8.08 5.57
C ILE A 45 9.86 8.99 4.65
N GLU A 46 10.36 8.45 3.54
CA GLU A 46 11.11 9.24 2.57
C GLU A 46 10.26 10.40 2.11
N GLN A 47 9.03 10.08 1.77
CA GLN A 47 8.09 11.05 1.25
C GLN A 47 7.70 12.12 2.26
N VAL A 48 7.38 11.69 3.47
CA VAL A 48 7.06 12.58 4.59
C VAL A 48 8.20 13.58 4.85
N VAL A 49 9.43 13.08 4.93
CA VAL A 49 10.60 13.95 4.97
C VAL A 49 10.62 15.04 3.86
N GLU A 50 10.50 14.61 2.60
CA GLU A 50 10.48 15.53 1.46
C GLU A 50 9.38 16.55 1.58
N LEU A 51 8.18 16.08 1.92
CA LEU A 51 7.03 16.97 2.03
C LEU A 51 7.24 18.01 3.13
N GLU A 52 7.78 17.58 4.27
CA GLU A 52 7.87 18.48 5.39
C GLU A 52 8.89 19.53 5.09
N ASN A 53 9.97 19.10 4.43
CA ASN A 53 11.07 19.98 4.18
C ASN A 53 10.75 20.96 3.05
N LYS A 54 9.69 20.70 2.30
CA LYS A 54 9.23 21.68 1.31
C LYS A 54 8.25 22.61 1.99
N THR A 55 7.74 22.19 3.13
CA THR A 55 6.67 22.92 3.83
C THR A 55 7.15 23.91 4.91
N TRP A 56 8.23 23.60 5.61
CA TRP A 56 8.61 24.44 6.75
C TRP A 56 9.47 25.62 6.33
N SER A 57 9.06 26.80 6.76
CA SER A 57 9.76 28.04 6.48
C SER A 57 9.78 28.87 7.73
N GLU A 58 10.63 29.90 7.74
CA GLU A 58 10.71 30.84 8.83
C GLU A 58 9.40 31.56 9.03
N GLN A 59 8.47 31.35 8.11
CA GLN A 59 7.13 31.92 8.28
C GLN A 59 6.23 31.06 9.22
N ASN A 60 6.52 29.77 9.37
CA ASN A 60 5.62 28.91 10.15
C ASN A 60 6.28 28.14 11.31
N THR A 61 7.60 28.24 11.43
CA THR A 61 8.30 27.62 12.54
C THR A 61 9.50 28.48 12.94
N PRO A 62 9.87 28.51 14.25
CA PRO A 62 11.04 29.28 14.72
C PRO A 62 12.31 28.45 14.83
N VAL A 63 12.18 27.12 14.66
CA VAL A 63 13.32 26.21 14.64
C VAL A 63 14.21 26.36 13.42
N PRO A 64 15.50 26.10 13.58
CA PRO A 64 16.33 26.23 12.37
C PRO A 64 15.97 25.17 11.31
N LEU A 65 16.14 25.53 10.04
CA LEU A 65 15.79 24.70 8.90
C LEU A 65 17.04 24.03 8.36
N PRO A 66 16.92 22.79 7.86
CA PRO A 66 15.70 21.99 7.74
C PRO A 66 15.32 21.36 9.07
N VAL A 67 14.03 21.17 9.31
CA VAL A 67 13.60 20.54 10.55
C VAL A 67 13.48 19.00 10.44
N ALA A 68 13.30 18.46 9.23
CA ALA A 68 13.03 17.03 9.10
C ALA A 68 14.21 16.25 8.53
N SER A 69 14.33 15.00 8.95
CA SER A 69 15.28 14.07 8.38
C SER A 69 14.74 12.67 8.61
N LYS A 70 15.24 11.71 7.84
CA LYS A 70 14.80 10.32 7.93
C LYS A 70 14.95 9.84 9.36
N ASP A 71 16.09 10.13 9.96
CA ASP A 71 16.37 9.66 11.29
C ASP A 71 15.62 10.38 12.39
N GLN A 72 15.35 11.67 12.19
CA GLN A 72 14.53 12.38 13.15
C GLN A 72 13.15 11.76 13.15
N ILE A 73 12.65 11.38 11.98
CA ILE A 73 11.29 10.86 11.87
C ILE A 73 11.17 9.46 12.47
N ILE A 74 12.21 8.66 12.31
CA ILE A 74 12.25 7.32 12.87
C ILE A 74 12.31 7.41 14.40
N GLN A 75 13.16 8.31 14.89
CA GLN A 75 13.29 8.55 16.34
C GLN A 75 11.92 8.74 16.96
N LYS A 76 11.12 9.57 16.29
CA LYS A 76 9.78 9.89 16.74
C LYS A 76 8.89 8.69 16.65
N PHE A 77 8.94 8.01 15.52
CA PHE A 77 8.14 6.83 15.31
C PHE A 77 8.42 5.79 16.42
N GLU A 78 9.71 5.66 16.77
CA GLU A 78 10.18 4.75 17.81
C GLU A 78 9.98 5.23 19.26
N SER A 79 9.45 6.45 19.43
CA SER A 79 9.20 6.92 20.78
C SER A 79 7.76 7.36 20.97
N ASN A 80 6.86 6.76 20.20
CA ASN A 80 5.44 6.84 20.50
C ASN A 80 4.66 7.98 19.87
N THR A 81 5.33 8.82 19.10
CA THR A 81 4.62 9.78 18.26
C THR A 81 3.89 9.01 17.16
N HIS A 82 2.62 9.32 16.95
CA HIS A 82 1.88 8.65 15.90
C HIS A 82 1.68 9.56 14.67
N PHE A 83 1.58 8.97 13.48
CA PHE A 83 1.47 9.72 12.23
C PHE A 83 0.25 9.31 11.40
N LEU A 84 -0.59 10.28 11.06
CA LEU A 84 -1.62 10.09 10.06
C LEU A 84 -1.12 10.68 8.75
N VAL A 85 -1.38 9.98 7.66
CA VAL A 85 -0.92 10.44 6.37
C VAL A 85 -2.09 10.51 5.36
N ALA A 86 -2.06 11.48 4.46
CA ALA A 86 -3.10 11.52 3.43
C ALA A 86 -2.48 11.28 2.07
N LYS A 87 -3.14 10.45 1.27
CA LYS A 87 -2.59 10.10 -0.03
C LYS A 87 -3.62 10.33 -1.12
N ILE A 88 -3.12 10.69 -2.30
CA ILE A 88 -3.92 10.81 -3.51
C ILE A 88 -3.16 10.05 -4.60
N LYS A 89 -3.65 8.84 -4.92
CA LYS A 89 -2.91 7.87 -5.75
C LYS A 89 -1.68 7.26 -5.05
N ASP A 90 -1.83 6.84 -3.79
CA ASP A 90 -0.68 6.38 -3.00
C ASP A 90 0.53 7.34 -3.07
N LYS A 91 0.27 8.58 -3.44
CA LYS A 91 1.22 9.67 -3.26
C LYS A 91 0.84 10.43 -1.98
N ILE A 92 1.81 10.66 -1.11
CA ILE A 92 1.55 11.37 0.15
C ILE A 92 1.36 12.86 -0.12
N VAL A 93 0.26 13.44 0.37
CA VAL A 93 -0.03 14.86 0.13
C VAL A 93 -0.32 15.63 1.43
N GLY A 94 -0.32 14.92 2.54
CA GLY A 94 -0.53 15.51 3.85
C GLY A 94 -0.03 14.62 4.97
N VAL A 95 0.37 15.24 6.08
CA VAL A 95 0.81 14.46 7.24
C VAL A 95 0.50 15.15 8.58
N LEU A 96 0.06 14.36 9.55
CA LEU A 96 -0.23 14.86 10.88
C LEU A 96 0.38 13.91 11.89
N ASP A 97 1.29 14.42 12.72
CA ASP A 97 1.85 13.63 13.82
C ASP A 97 1.36 14.20 15.15
N TYR A 98 1.14 13.31 16.13
CA TYR A 98 0.68 13.75 17.44
C TYR A 98 1.31 12.96 18.55
N SER A 99 1.30 13.53 19.74
CA SER A 99 1.94 12.92 20.88
C SER A 99 1.52 13.65 22.16
N SER A 100 1.71 12.98 23.30
CA SER A 100 1.56 13.62 24.63
C SER A 100 2.38 14.90 24.80
N LEU A 101 1.78 15.94 25.32
CA LEU A 101 2.51 17.19 25.51
C LEU A 101 3.59 17.10 26.58
N TYR A 102 3.33 16.37 27.67
CA TYR A 102 4.32 16.25 28.74
C TYR A 102 4.59 14.78 29.07
N PRO A 103 5.83 14.46 29.45
CA PRO A 103 6.20 13.07 29.71
C PRO A 103 5.86 12.68 31.12
N PHE A 104 5.46 13.63 31.96
CA PHE A 104 5.15 13.30 33.35
C PHE A 104 3.64 13.17 33.56
N PRO A 105 3.24 12.39 34.57
CA PRO A 105 1.83 12.07 34.80
C PRO A 105 0.94 13.28 35.05
N SER A 106 1.42 14.30 35.77
CA SER A 106 0.53 15.43 36.10
C SER A 106 -0.02 16.14 34.85
N GLY A 107 0.66 15.99 33.72
CA GLY A 107 0.27 16.66 32.50
C GLY A 107 -0.17 15.73 31.37
N GLN A 108 -0.23 14.44 31.68
CA GLN A 108 -0.47 13.39 30.68
C GLN A 108 -1.79 13.51 29.91
N HIS A 109 -2.68 14.38 30.37
CA HIS A 109 -3.99 14.48 29.75
C HIS A 109 -4.06 15.49 28.57
N ILE A 110 -2.90 16.02 28.17
CA ILE A 110 -2.84 17.01 27.09
C ILE A 110 -2.12 16.44 25.86
N VAL A 111 -2.82 16.34 24.75
CA VAL A 111 -2.16 15.92 23.51
C VAL A 111 -1.73 17.13 22.63
N THR A 112 -0.62 17.00 21.91
CA THR A 112 -0.23 18.01 20.89
C THR A 112 -0.03 17.38 19.48
N PHE A 113 0.09 18.21 18.43
CA PHE A 113 0.25 17.70 17.05
C PHE A 113 0.81 18.72 16.08
N GLY A 114 1.47 18.24 15.03
CA GLY A 114 1.85 19.07 13.90
C GLY A 114 1.08 18.61 12.68
N ILE A 115 1.04 19.43 11.64
CA ILE A 115 0.38 19.07 10.39
C ILE A 115 0.98 19.83 9.20
N ALA A 116 1.09 19.16 8.08
CA ALA A 116 1.65 19.78 6.89
C ALA A 116 0.91 19.24 5.68
N VAL A 117 0.32 20.15 4.91
CA VAL A 117 -0.35 19.77 3.68
C VAL A 117 0.44 20.30 2.50
N ALA A 118 0.53 19.52 1.43
CA ALA A 118 1.30 19.95 0.27
C ALA A 118 0.71 21.22 -0.34
N GLU A 119 1.57 22.21 -0.55
CA GLU A 119 1.14 23.51 -1.07
C GLU A 119 0.12 23.46 -2.22
N LYS A 120 0.42 22.68 -3.26
CA LYS A 120 -0.47 22.59 -4.42
C LYS A 120 -1.81 21.92 -4.08
N GLU A 121 -1.83 21.16 -2.99
CA GLU A 121 -3.03 20.42 -2.61
C GLU A 121 -3.88 21.12 -1.55
N ARG A 122 -3.47 22.30 -1.08
CA ARG A 122 -4.18 23.03 -0.01
C ARG A 122 -5.56 23.52 -0.42
N ARG A 123 -6.37 23.92 0.57
CA ARG A 123 -7.70 24.44 0.33
C ARG A 123 -8.65 23.42 -0.30
N LYS A 124 -8.32 22.15 -0.20
CA LYS A 124 -9.19 21.10 -0.73
C LYS A 124 -9.81 20.21 0.33
N GLY A 125 -9.70 20.59 1.61
CA GLY A 125 -10.27 19.80 2.70
C GLY A 125 -9.37 18.79 3.37
N ILE A 126 -8.13 18.67 2.91
CA ILE A 126 -7.19 17.67 3.45
C ILE A 126 -6.81 17.92 4.91
N GLY A 127 -6.47 19.18 5.22
CA GLY A 127 -6.17 19.55 6.58
C GLY A 127 -7.33 19.22 7.51
N ARG A 128 -8.51 19.64 7.12
CA ARG A 128 -9.69 19.39 7.91
C ARG A 128 -9.86 17.90 8.22
N ALA A 129 -9.66 17.05 7.22
CA ALA A 129 -9.92 15.63 7.33
C ALA A 129 -8.87 14.98 8.22
N LEU A 130 -7.64 15.43 8.12
CA LEU A 130 -6.61 14.95 9.01
C LEU A 130 -6.99 15.26 10.47
N VAL A 131 -7.26 16.54 10.73
CA VAL A 131 -7.56 17.02 12.07
C VAL A 131 -8.73 16.24 12.63
N GLN A 132 -9.66 15.92 11.75
CA GLN A 132 -10.88 15.26 12.19
C GLN A 132 -10.65 13.82 12.63
N ILE A 133 -9.81 13.07 11.92
CA ILE A 133 -9.63 11.73 12.42
C ILE A 133 -8.74 11.76 13.64
N PHE A 134 -7.73 12.63 13.62
CA PHE A 134 -6.92 12.85 14.83
C PHE A 134 -7.82 13.05 16.05
N LEU A 135 -8.74 14.00 15.97
CA LEU A 135 -9.58 14.33 17.11
C LEU A 135 -10.31 13.10 17.61
N ASN A 136 -10.77 12.25 16.69
CA ASN A 136 -11.46 11.04 17.09
C ASN A 136 -10.57 9.92 17.65
N GLU A 137 -9.29 9.94 17.31
CA GLU A 137 -8.30 9.09 17.95
C GLU A 137 -8.13 9.41 19.43
N VAL A 138 -7.94 10.69 19.74
CA VAL A 138 -7.50 11.11 21.06
C VAL A 138 -8.64 11.41 22.02
N LYS A 139 -9.83 11.65 21.47
CA LYS A 139 -11.06 11.92 22.24
C LYS A 139 -11.15 11.09 23.53
N SER A 140 -10.92 9.79 23.36
CA SER A 140 -11.02 8.82 24.42
C SER A 140 -9.91 8.95 25.47
N ASP A 141 -8.70 9.25 25.03
CA ASP A 141 -7.50 9.20 25.88
C ASP A 141 -7.00 10.52 26.49
N TYR A 142 -7.45 11.67 25.97
CA TYR A 142 -6.97 12.96 26.48
C TYR A 142 -8.11 13.92 26.79
N GLN A 143 -7.80 14.98 27.53
CA GLN A 143 -8.81 15.95 27.93
C GLN A 143 -8.73 17.18 27.04
N LYS A 144 -7.51 17.49 26.62
CA LYS A 144 -7.21 18.78 26.05
C LYS A 144 -6.13 18.69 24.99
N VAL A 145 -6.40 19.36 23.87
CA VAL A 145 -5.39 19.57 22.83
C VAL A 145 -4.81 20.96 23.00
N LEU A 146 -3.51 21.06 22.84
CA LEU A 146 -2.87 22.34 22.88
C LEU A 146 -1.72 22.46 21.85
N ILE A 147 -1.74 23.56 21.08
CA ILE A 147 -0.70 23.85 20.08
C ILE A 147 -0.18 25.29 20.11
N HIS A 148 1.02 25.44 19.59
CA HIS A 148 1.67 26.75 19.45
C HIS A 148 1.67 27.15 17.97
N VAL A 149 1.19 28.35 17.67
CA VAL A 149 1.14 28.83 16.30
C VAL A 149 1.86 30.19 16.23
N LEU A 150 2.88 30.31 15.38
CA LEU A 150 3.49 31.60 15.09
C LEU A 150 2.44 32.55 14.55
N SER A 151 2.44 33.81 15.03
CA SER A 151 1.47 34.81 14.57
C SER A 151 1.63 35.16 13.07
N SER A 152 2.75 34.76 12.48
CA SER A 152 3.03 34.97 11.10
C SER A 152 2.34 33.92 10.23
N ASN A 153 1.85 32.86 10.87
CA ASN A 153 1.24 31.75 10.15
C ASN A 153 -0.22 32.00 9.90
N GLN A 154 -0.47 32.87 8.94
CA GLN A 154 -1.79 33.41 8.67
C GLN A 154 -2.80 32.34 8.32
N GLU A 155 -2.39 31.35 7.53
CA GLU A 155 -3.33 30.32 7.14
C GLU A 155 -3.65 29.36 8.27
N ALA A 156 -2.66 29.06 9.10
CA ALA A 156 -2.87 28.24 10.30
C ALA A 156 -3.82 28.93 11.28
N VAL A 157 -3.60 30.22 11.48
CA VAL A 157 -4.48 30.98 12.35
C VAL A 157 -5.93 30.77 11.90
N LEU A 158 -6.18 30.87 10.59
CA LEU A 158 -7.55 30.85 10.10
C LEU A 158 -8.12 29.43 10.13
N PHE A 159 -7.28 28.48 9.71
CA PHE A 159 -7.56 27.05 9.78
C PHE A 159 -8.06 26.65 11.18
N TYR A 160 -7.24 26.93 12.20
CA TYR A 160 -7.54 26.47 13.55
C TYR A 160 -8.81 27.09 14.12
N LYS A 161 -8.99 28.38 13.87
CA LYS A 161 -10.22 29.07 14.27
C LYS A 161 -11.41 28.42 13.57
N LYS A 162 -11.26 28.18 12.28
CA LYS A 162 -12.34 27.58 11.50
C LYS A 162 -12.77 26.22 12.07
N LEU A 163 -11.79 25.37 12.41
CA LEU A 163 -12.07 24.04 12.96
C LEU A 163 -12.48 24.05 14.43
N GLY A 164 -12.68 25.23 15.00
CA GLY A 164 -13.20 25.32 16.34
C GLY A 164 -12.19 25.33 17.48
N PHE A 165 -10.92 25.58 17.19
CA PHE A 165 -9.96 25.73 18.29
C PHE A 165 -10.17 27.07 18.96
N ASP A 166 -9.77 27.16 20.24
CA ASP A 166 -9.85 28.40 21.00
C ASP A 166 -8.47 29.04 21.12
N LEU A 167 -8.40 30.36 20.96
CA LEU A 167 -7.18 31.08 21.23
C LEU A 167 -7.01 31.24 22.75
N GLU A 168 -6.07 30.51 23.34
CA GLU A 168 -6.03 30.44 24.79
C GLU A 168 -5.05 31.46 25.34
N ALA A 169 -3.96 31.66 24.63
CA ALA A 169 -2.97 32.59 25.12
C ALA A 169 -2.19 33.22 23.99
N ARG A 170 -1.52 34.31 24.32
CA ARG A 170 -0.66 34.96 23.35
C ARG A 170 0.62 35.35 24.07
N LEU A 171 1.75 34.83 23.61
CA LEU A 171 3.05 35.21 24.15
C LEU A 171 3.68 36.21 23.21
N THR A 172 3.92 37.38 23.77
CA THR A 172 4.37 38.55 23.08
C THR A 172 5.84 38.51 22.72
N LYS A 173 6.10 38.81 21.45
CA LYS A 173 7.45 38.92 20.93
C LYS A 173 8.34 37.74 21.27
N GLN A 174 7.79 36.53 21.17
CA GLN A 174 8.54 35.33 21.50
C GLN A 174 9.70 35.08 20.56
N PHE A 175 9.53 35.44 19.29
CA PHE A 175 10.57 35.10 18.31
C PHE A 175 10.89 36.25 17.39
N PHE A 176 12.17 36.34 17.04
CA PHE A 176 12.66 37.26 16.04
C PHE A 176 12.99 36.47 14.77
N LEU A 177 12.21 36.67 13.70
CA LEU A 177 12.45 35.98 12.44
C LEU A 177 12.23 36.92 11.25
N LYS A 178 13.29 37.08 10.44
CA LYS A 178 13.24 37.94 9.26
C LYS A 178 13.00 39.37 9.67
N GLY A 179 13.76 39.86 10.63
CA GLY A 179 13.62 41.22 11.12
C GLY A 179 12.26 41.57 11.72
N GLN A 180 11.41 40.59 11.97
CA GLN A 180 10.16 40.88 12.64
C GLN A 180 10.07 40.16 13.98
N TYR A 181 9.39 40.81 14.93
CA TYR A 181 9.06 40.17 16.20
C TYR A 181 7.77 39.42 16.05
N VAL A 182 7.85 38.10 16.21
CA VAL A 182 6.68 37.28 16.01
C VAL A 182 6.13 36.83 17.36
N ASP A 183 4.81 36.81 17.49
CA ASP A 183 4.17 36.29 18.68
C ASP A 183 3.89 34.79 18.59
N ASP A 184 3.72 34.17 19.75
CA ASP A 184 3.38 32.77 19.83
C ASP A 184 1.93 32.68 20.28
N LEU A 185 1.06 32.18 19.42
CA LEU A 185 -0.34 32.04 19.78
C LEU A 185 -0.62 30.61 20.16
N ILE A 186 -1.23 30.43 21.31
CA ILE A 186 -1.43 29.13 21.88
C ILE A 186 -2.88 28.79 21.73
N TYR A 187 -3.15 27.76 20.92
CA TYR A 187 -4.51 27.31 20.66
C TYR A 187 -4.86 26.02 21.37
N SER A 188 -6.09 25.89 21.82
CA SER A 188 -6.43 24.68 22.52
C SER A 188 -7.74 24.13 22.03
N TYR A 189 -8.06 22.91 22.45
CA TYR A 189 -9.29 22.28 22.04
C TYR A 189 -9.80 21.43 23.19
N ASP A 190 -11.07 21.60 23.54
CA ASP A 190 -11.66 20.90 24.67
C ASP A 190 -12.12 19.51 24.26
N LEU A 191 -11.36 18.49 24.65
CA LEU A 191 -11.81 17.12 24.45
C LEU A 191 -12.89 16.79 25.49
N GLU A 192 -12.81 17.47 26.63
CA GLU A 192 -13.92 17.55 27.58
C GLU A 192 -13.64 16.88 28.92
N SER B 34 10.16 -10.56 40.06
CA SER B 34 10.66 -11.48 39.04
C SER B 34 9.50 -12.13 38.28
N MSE B 35 9.58 -12.07 36.95
CA MSE B 35 8.52 -12.67 36.14
C MSE B 35 8.94 -14.02 35.56
O MSE B 35 10.11 -14.25 35.22
CB MSE B 35 7.91 -11.69 35.11
CG MSE B 35 8.70 -11.44 33.86
SE MSE B 35 8.28 -12.74 32.47
CE MSE B 35 10.04 -12.75 31.64
N LYS B 36 7.97 -14.93 35.50
CA LYS B 36 8.22 -16.27 35.02
C LYS B 36 7.20 -16.68 33.93
N ILE B 37 7.70 -17.34 32.89
CA ILE B 37 6.83 -17.85 31.83
C ILE B 37 6.50 -19.33 32.05
N SER B 38 5.24 -19.67 31.83
CA SER B 38 4.78 -21.02 32.10
C SER B 38 3.52 -21.34 31.29
N PRO B 39 3.16 -22.64 31.23
CA PRO B 39 1.96 -23.01 30.47
C PRO B 39 0.75 -22.36 31.13
N MSE B 40 -0.32 -22.15 30.38
CA MSE B 40 -1.55 -21.65 30.96
C MSE B 40 -2.35 -22.77 31.62
O MSE B 40 -2.42 -23.90 31.10
CB MSE B 40 -2.41 -21.01 29.87
CG MSE B 40 -3.67 -20.40 30.43
SE MSE B 40 -4.88 -19.81 29.01
CE MSE B 40 -5.33 -21.58 28.29
N LEU B 41 -2.95 -22.44 32.77
CA LEU B 41 -3.79 -23.37 33.52
C LEU B 41 -5.25 -23.11 33.19
N LEU B 42 -6.07 -24.16 33.19
CA LEU B 42 -7.50 -23.93 33.08
C LEU B 42 -7.92 -22.76 33.96
N SER B 43 -7.34 -22.67 35.15
CA SER B 43 -7.81 -21.71 36.13
C SER B 43 -7.25 -20.29 35.90
N ASP B 44 -6.24 -20.17 35.05
CA ASP B 44 -5.66 -18.89 34.66
C ASP B 44 -6.58 -18.18 33.66
N ILE B 45 -7.66 -18.83 33.26
CA ILE B 45 -8.40 -18.42 32.04
C ILE B 45 -9.23 -17.11 32.15
N GLU B 46 -9.97 -16.94 33.23
CA GLU B 46 -10.69 -15.69 33.43
C GLU B 46 -9.72 -14.51 33.44
N GLN B 47 -8.53 -14.73 33.97
CA GLN B 47 -7.55 -13.69 34.11
C GLN B 47 -6.97 -13.36 32.73
N VAL B 48 -6.95 -14.36 31.85
CA VAL B 48 -6.46 -14.17 30.49
C VAL B 48 -7.52 -13.44 29.65
N VAL B 49 -8.77 -13.82 29.83
CA VAL B 49 -9.88 -13.12 29.19
C VAL B 49 -9.85 -11.62 29.54
N GLU B 50 -9.51 -11.31 30.78
CA GLU B 50 -9.48 -9.93 31.24
C GLU B 50 -8.39 -9.14 30.51
N LEU B 51 -7.21 -9.76 30.43
CA LEU B 51 -6.06 -9.12 29.83
C LEU B 51 -6.24 -8.85 28.31
N GLU B 52 -6.88 -9.78 27.61
CA GLU B 52 -7.12 -9.65 26.18
C GLU B 52 -8.15 -8.58 25.91
N ASN B 53 -9.18 -8.56 26.73
CA ASN B 53 -10.27 -7.64 26.49
C ASN B 53 -9.92 -6.20 26.83
N LYS B 54 -8.88 -6.00 27.63
CA LYS B 54 -8.38 -4.67 27.89
C LYS B 54 -7.31 -4.30 26.87
N THR B 55 -6.93 -5.26 26.03
CA THR B 55 -5.82 -5.06 25.15
C THR B 55 -6.19 -4.85 23.68
N TRP B 56 -7.25 -5.51 23.23
CA TRP B 56 -7.62 -5.48 21.81
C TRP B 56 -8.48 -4.27 21.50
N SER B 57 -8.01 -3.48 20.56
CA SER B 57 -8.77 -2.31 20.12
C SER B 57 -8.87 -2.25 18.59
N GLU B 58 -9.43 -1.16 18.09
CA GLU B 58 -9.58 -0.99 16.66
C GLU B 58 -8.26 -0.62 16.04
N GLN B 59 -7.29 -0.27 16.87
CA GLN B 59 -5.95 0.10 16.41
C GLN B 59 -5.09 -1.15 16.20
N ASN B 60 -5.47 -2.27 16.83
CA ASN B 60 -4.70 -3.50 16.67
C ASN B 60 -5.43 -4.74 16.13
N THR B 61 -6.74 -4.68 15.98
CA THR B 61 -7.45 -5.75 15.31
C THR B 61 -8.67 -5.20 14.58
N PRO B 62 -8.97 -5.78 13.41
CA PRO B 62 -10.10 -5.41 12.55
C PRO B 62 -11.37 -6.14 12.94
N VAL B 63 -11.25 -7.03 13.92
CA VAL B 63 -12.36 -7.87 14.34
C VAL B 63 -13.24 -7.21 15.39
N PRO B 64 -14.56 -7.40 15.25
CA PRO B 64 -15.50 -6.76 16.18
C PRO B 64 -15.20 -7.11 17.64
N LEU B 65 -15.33 -6.10 18.51
CA LEU B 65 -14.96 -6.18 19.92
C LEU B 65 -16.21 -6.39 20.76
N PRO B 66 -16.05 -7.00 21.95
CA PRO B 66 -14.82 -7.61 22.48
C PRO B 66 -14.53 -8.94 21.79
N VAL B 67 -13.26 -9.31 21.68
CA VAL B 67 -12.87 -10.52 20.97
C VAL B 67 -12.89 -11.79 21.84
N ALA B 68 -12.61 -11.63 23.13
CA ALA B 68 -12.38 -12.75 24.01
C ALA B 68 -13.51 -13.02 24.99
N SER B 69 -13.74 -14.29 25.30
CA SER B 69 -14.65 -14.69 26.36
C SER B 69 -14.14 -16.00 26.92
N LYS B 70 -14.70 -16.41 28.05
CA LYS B 70 -14.20 -17.60 28.72
C LYS B 70 -14.50 -18.82 27.84
N ASP B 71 -15.66 -18.84 27.22
CA ASP B 71 -15.97 -19.99 26.38
C ASP B 71 -15.12 -20.06 25.11
N GLN B 72 -14.78 -18.90 24.54
CA GLN B 72 -14.00 -18.95 23.30
C GLN B 72 -12.55 -19.32 23.57
N ILE B 73 -12.03 -18.96 24.74
CA ILE B 73 -10.69 -19.35 25.15
C ILE B 73 -10.64 -20.83 25.50
N ILE B 74 -11.68 -21.34 26.15
CA ILE B 74 -11.75 -22.77 26.41
C ILE B 74 -11.88 -23.58 25.12
N GLN B 75 -12.66 -23.09 24.16
CA GLN B 75 -12.73 -23.75 22.85
C GLN B 75 -11.36 -23.88 22.20
N LYS B 76 -10.59 -22.80 22.19
CA LYS B 76 -9.26 -22.85 21.60
C LYS B 76 -8.36 -23.86 22.33
N PHE B 77 -8.48 -23.86 23.65
CA PHE B 77 -7.65 -24.68 24.51
C PHE B 77 -7.93 -26.17 24.25
N GLU B 78 -9.18 -26.46 23.89
CA GLU B 78 -9.66 -27.79 23.51
C GLU B 78 -9.42 -28.18 22.05
N SER B 79 -8.88 -27.25 21.26
CA SER B 79 -8.66 -27.48 19.83
C SER B 79 -7.18 -27.43 19.50
N ASN B 80 -6.31 -27.58 20.49
CA ASN B 80 -4.88 -27.63 20.19
C ASN B 80 -4.17 -26.28 19.98
N THR B 81 -4.84 -25.19 20.35
CA THR B 81 -4.15 -23.93 20.48
C THR B 81 -3.42 -24.02 21.81
N HIS B 82 -2.12 -23.75 21.80
CA HIS B 82 -1.35 -23.71 23.02
C HIS B 82 -1.13 -22.28 23.52
N PHE B 83 -1.05 -22.14 24.86
CA PHE B 83 -0.90 -20.85 25.52
C PHE B 83 0.28 -20.80 26.50
N LEU B 84 1.15 -19.80 26.33
CA LEU B 84 2.16 -19.43 27.30
C LEU B 84 1.70 -18.14 28.01
N VAL B 85 1.93 -18.08 29.32
CA VAL B 85 1.63 -16.88 30.12
C VAL B 85 2.86 -16.38 30.87
N ALA B 86 2.95 -15.08 31.06
CA ALA B 86 4.00 -14.53 31.89
C ALA B 86 3.35 -13.98 33.16
N LYS B 87 4.02 -14.17 34.30
CA LYS B 87 3.46 -13.77 35.59
C LYS B 87 4.49 -13.03 36.40
N ILE B 88 4.03 -12.01 37.12
CA ILE B 88 4.87 -11.34 38.09
C ILE B 88 4.09 -11.39 39.37
N LYS B 89 4.55 -12.20 40.32
CA LYS B 89 3.86 -12.33 41.60
C LYS B 89 2.60 -13.20 41.46
N ASP B 90 2.67 -14.20 40.58
CA ASP B 90 1.51 -15.07 40.39
C ASP B 90 0.33 -14.34 39.69
N LYS B 91 0.59 -13.12 39.25
CA LYS B 91 -0.37 -12.34 38.49
C LYS B 91 0.00 -12.44 37.01
N ILE B 92 -0.99 -12.69 36.15
CA ILE B 92 -0.73 -12.80 34.72
C ILE B 92 -0.53 -11.41 34.12
N VAL B 93 0.64 -11.17 33.56
CA VAL B 93 0.93 -9.90 32.90
C VAL B 93 1.14 -10.05 31.41
N GLY B 94 1.12 -11.29 30.91
CA GLY B 94 1.34 -11.52 29.50
C GLY B 94 0.77 -12.84 29.00
N VAL B 95 0.44 -12.91 27.70
CA VAL B 95 -0.05 -14.14 27.11
C VAL B 95 0.25 -14.28 25.58
N LEU B 96 0.82 -15.43 25.21
CA LEU B 96 1.05 -15.78 23.81
C LEU B 96 0.34 -17.12 23.51
N ASP B 97 -0.50 -17.09 22.49
CA ASP B 97 -1.19 -18.29 22.04
C ASP B 97 -0.73 -18.66 20.63
N TYR B 98 -0.59 -19.96 20.34
CA TYR B 98 -0.17 -20.39 19.01
C TYR B 98 -0.78 -21.67 18.50
N SER B 99 -0.80 -21.80 17.18
CA SER B 99 -1.39 -22.95 16.53
C SER B 99 -1.03 -22.96 15.06
N SER B 100 -1.34 -24.06 14.37
CA SER B 100 -1.13 -24.18 12.92
C SER B 100 -1.95 -23.18 12.13
N LEU B 101 -1.32 -22.44 11.23
CA LEU B 101 -2.04 -21.51 10.39
C LEU B 101 -3.13 -22.19 9.55
N TYR B 102 -2.84 -23.36 8.99
CA TYR B 102 -3.82 -24.06 8.15
C TYR B 102 -4.27 -25.40 8.73
N PRO B 103 -5.57 -25.70 8.58
CA PRO B 103 -6.19 -26.91 9.10
C PRO B 103 -5.81 -28.13 8.27
N PHE B 104 -5.15 -27.96 7.13
CA PHE B 104 -4.93 -29.07 6.19
C PHE B 104 -3.46 -29.41 5.92
N PRO B 105 -3.21 -30.64 5.45
CA PRO B 105 -1.83 -31.13 5.33
C PRO B 105 -0.86 -30.25 4.56
N SER B 106 -1.27 -29.70 3.41
CA SER B 106 -0.32 -29.02 2.55
C SER B 106 0.30 -27.79 3.23
N GLY B 107 -0.38 -27.27 4.25
CA GLY B 107 0.02 -26.02 4.87
C GLY B 107 0.53 -26.16 6.28
N GLN B 108 0.82 -27.38 6.69
CA GLN B 108 0.94 -27.68 8.10
C GLN B 108 2.30 -27.29 8.71
N HIS B 109 3.22 -26.88 7.85
CA HIS B 109 4.56 -26.51 8.27
C HIS B 109 4.61 -25.03 8.70
N ILE B 110 3.45 -24.39 8.77
CA ILE B 110 3.37 -22.99 9.16
C ILE B 110 2.62 -22.80 10.48
N VAL B 111 3.30 -22.21 11.46
CA VAL B 111 2.68 -21.86 12.72
C VAL B 111 2.39 -20.35 12.80
N THR B 112 1.41 -19.99 13.61
CA THR B 112 1.03 -18.60 13.80
C THR B 112 0.70 -18.35 15.29
N PHE B 113 0.63 -17.08 15.72
CA PHE B 113 0.40 -16.79 17.12
C PHE B 113 -0.17 -15.38 17.33
N GLY B 114 -0.68 -15.15 18.53
CA GLY B 114 -1.05 -13.82 18.99
C GLY B 114 -0.27 -13.52 20.25
N ILE B 115 -0.37 -12.29 20.73
CA ILE B 115 0.32 -11.92 21.94
C ILE B 115 -0.25 -10.60 22.48
N ALA B 116 -0.23 -10.46 23.81
CA ALA B 116 -0.84 -9.35 24.52
C ALA B 116 -0.08 -9.19 25.81
N VAL B 117 0.42 -7.99 26.06
CA VAL B 117 1.13 -7.71 27.29
C VAL B 117 0.41 -6.58 27.99
N ALA B 118 0.17 -6.74 29.28
CA ALA B 118 -0.54 -5.68 30.00
C ALA B 118 0.12 -4.29 29.81
N GLU B 119 -0.67 -3.34 29.30
CA GLU B 119 -0.24 -1.96 29.12
C GLU B 119 0.81 -1.44 30.14
N LYS B 120 0.54 -1.52 31.43
CA LYS B 120 1.48 -0.98 32.42
C LYS B 120 2.79 -1.79 32.52
N GLU B 121 2.80 -3.00 31.96
CA GLU B 121 3.99 -3.86 31.99
C GLU B 121 4.87 -3.82 30.73
N ARG B 122 4.49 -3.02 29.75
CA ARG B 122 5.21 -2.97 28.48
C ARG B 122 6.63 -2.43 28.56
N ARG B 123 7.42 -2.71 27.53
CA ARG B 123 8.82 -2.26 27.46
C ARG B 123 9.68 -2.72 28.61
N LYS B 124 9.37 -3.88 29.17
CA LYS B 124 10.25 -4.51 30.14
C LYS B 124 10.82 -5.85 29.64
N GLY B 125 10.64 -6.14 28.34
CA GLY B 125 11.06 -7.42 27.78
C GLY B 125 10.17 -8.66 27.99
N ILE B 126 8.93 -8.46 28.43
CA ILE B 126 7.97 -9.55 28.59
C ILE B 126 7.57 -10.17 27.24
N GLY B 127 7.16 -9.35 26.28
CA GLY B 127 6.91 -9.81 24.92
C GLY B 127 8.09 -10.57 24.35
N ARG B 128 9.28 -9.98 24.47
CA ARG B 128 10.47 -10.60 23.91
C ARG B 128 10.62 -11.99 24.49
N ALA B 129 10.58 -12.09 25.81
CA ALA B 129 10.73 -13.36 26.50
C ALA B 129 9.67 -14.36 26.05
N LEU B 130 8.42 -13.90 25.99
CA LEU B 130 7.34 -14.75 25.53
C LEU B 130 7.63 -15.34 24.13
N VAL B 131 8.20 -14.52 23.23
CA VAL B 131 8.39 -14.90 21.84
C VAL B 131 9.55 -15.88 21.67
N GLN B 132 10.65 -15.58 22.35
CA GLN B 132 11.82 -16.42 22.41
C GLN B 132 11.47 -17.86 22.79
N ILE B 133 10.63 -18.01 23.83
CA ILE B 133 10.21 -19.33 24.25
C ILE B 133 9.35 -19.99 23.19
N PHE B 134 8.37 -19.25 22.67
CA PHE B 134 7.59 -19.69 21.52
C PHE B 134 8.49 -20.23 20.42
N LEU B 135 9.40 -19.39 19.94
CA LEU B 135 10.27 -19.76 18.84
C LEU B 135 10.91 -21.09 19.15
N ASN B 136 11.46 -21.18 20.34
CA ASN B 136 12.07 -22.44 20.76
C ASN B 136 11.12 -23.64 20.83
N GLU B 137 9.87 -23.42 21.25
CA GLU B 137 8.89 -24.49 21.27
C GLU B 137 8.64 -25.05 19.89
N VAL B 138 8.72 -24.22 18.86
CA VAL B 138 8.19 -24.64 17.57
C VAL B 138 9.22 -24.97 16.48
N LYS B 139 10.51 -24.83 16.75
CA LYS B 139 11.47 -24.95 15.65
C LYS B 139 11.63 -26.37 15.10
N SER B 140 11.26 -27.34 15.92
CA SER B 140 11.27 -28.74 15.53
C SER B 140 10.07 -29.05 14.63
N ASP B 141 8.91 -28.52 14.98
CA ASP B 141 7.66 -28.96 14.39
C ASP B 141 7.17 -28.14 13.20
N TYR B 142 7.73 -26.94 13.04
CA TYR B 142 7.30 -26.07 11.96
C TYR B 142 8.51 -25.51 11.24
N GLN B 143 8.31 -24.90 10.08
CA GLN B 143 9.44 -24.34 9.34
C GLN B 143 9.36 -22.84 9.21
N LYS B 144 8.16 -22.31 9.43
CA LYS B 144 7.93 -20.90 9.20
C LYS B 144 6.76 -20.38 10.05
N VAL B 145 6.98 -19.21 10.66
CA VAL B 145 5.96 -18.47 11.37
C VAL B 145 5.43 -17.39 10.43
N LEU B 146 4.12 -17.19 10.44
CA LEU B 146 3.52 -16.10 9.71
C LEU B 146 2.38 -15.46 10.52
N ILE B 147 2.37 -14.13 10.57
CA ILE B 147 1.35 -13.38 11.29
C ILE B 147 0.89 -12.17 10.48
N HIS B 148 -0.35 -11.74 10.72
CA HIS B 148 -0.89 -10.51 10.16
C HIS B 148 -0.82 -9.33 11.17
N VAL B 149 -0.33 -8.18 10.73
CA VAL B 149 -0.27 -7.02 11.61
C VAL B 149 -0.93 -5.83 10.93
N LEU B 150 -1.95 -5.24 11.56
CA LEU B 150 -2.46 -3.94 11.10
C LEU B 150 -1.34 -2.90 11.02
N SER B 151 -1.31 -2.09 9.96
CA SER B 151 -0.30 -1.03 9.82
C SER B 151 -0.48 0.10 10.85
N SER B 152 -1.66 0.17 11.46
CA SER B 152 -1.95 1.15 12.51
C SER B 152 -1.39 0.73 13.85
N ASN B 153 -0.84 -0.48 13.89
CA ASN B 153 -0.37 -1.07 15.12
C ASN B 153 1.13 -0.86 15.25
N GLN B 154 1.47 0.28 15.84
CA GLN B 154 2.81 0.82 15.75
C GLN B 154 3.79 0.08 16.63
N GLU B 155 3.40 -0.23 17.87
CA GLU B 155 4.33 -0.99 18.70
C GLU B 155 4.56 -2.41 18.17
N ALA B 156 3.54 -3.03 17.60
CA ALA B 156 3.72 -4.38 17.05
C ALA B 156 4.62 -4.40 15.81
N VAL B 157 4.49 -3.39 14.96
CA VAL B 157 5.41 -3.23 13.84
C VAL B 157 6.87 -3.15 14.28
N LEU B 158 7.11 -2.38 15.34
CA LEU B 158 8.46 -2.16 15.83
C LEU B 158 9.00 -3.37 16.58
N PHE B 159 8.12 -4.00 17.33
CA PHE B 159 8.41 -5.24 18.05
C PHE B 159 8.86 -6.38 17.11
N TYR B 160 8.06 -6.69 16.08
CA TYR B 160 8.44 -7.75 15.14
C TYR B 160 9.71 -7.47 14.31
N LYS B 161 9.91 -6.21 13.92
CA LYS B 161 11.12 -5.91 13.17
C LYS B 161 12.32 -6.13 14.11
N LYS B 162 12.19 -5.60 15.32
CA LYS B 162 13.20 -5.75 16.33
C LYS B 162 13.53 -7.22 16.59
N LEU B 163 12.52 -8.05 16.83
CA LEU B 163 12.76 -9.46 17.11
C LEU B 163 13.22 -10.27 15.92
N GLY B 164 13.40 -9.63 14.77
CA GLY B 164 13.97 -10.31 13.63
C GLY B 164 13.01 -10.88 12.59
N PHE B 165 11.74 -10.49 12.62
CA PHE B 165 10.78 -10.89 11.58
C PHE B 165 10.98 -10.14 10.26
N ASP B 166 10.55 -10.78 9.16
CA ASP B 166 10.67 -10.18 7.83
C ASP B 166 9.33 -9.70 7.41
N LEU B 167 9.30 -8.51 6.81
CA LEU B 167 8.10 -8.00 6.21
C LEU B 167 7.95 -8.71 4.85
N GLU B 168 6.94 -9.57 4.74
CA GLU B 168 6.88 -10.46 3.59
C GLU B 168 5.90 -9.92 2.55
N ALA B 169 4.77 -9.41 3.01
CA ALA B 169 3.75 -8.90 2.13
C ALA B 169 3.07 -7.67 2.74
N ARG B 170 2.44 -6.90 1.87
CA ARG B 170 1.63 -5.80 2.28
C ARG B 170 0.37 -5.81 1.44
N LEU B 171 -0.78 -6.01 2.06
CA LEU B 171 -2.06 -5.91 1.38
C LEU B 171 -2.68 -4.56 1.69
N THR B 172 -2.89 -3.77 0.66
CA THR B 172 -3.29 -2.37 0.81
C THR B 172 -4.78 -2.16 0.99
N LYS B 173 -5.13 -1.23 1.87
CA LYS B 173 -6.52 -0.91 2.20
C LYS B 173 -7.44 -2.10 2.42
N GLN B 174 -6.94 -3.14 3.06
CA GLN B 174 -7.79 -4.24 3.52
C GLN B 174 -8.86 -3.82 4.52
N PHE B 175 -8.54 -2.90 5.42
CA PHE B 175 -9.48 -2.61 6.51
C PHE B 175 -9.79 -1.13 6.73
N PHE B 176 -11.08 -0.85 6.87
CA PHE B 176 -11.55 0.49 7.12
C PHE B 176 -11.89 0.61 8.61
N LEU B 177 -11.04 1.32 9.34
CA LEU B 177 -11.18 1.42 10.78
C LEU B 177 -11.02 2.86 11.28
N LYS B 178 -12.01 3.34 12.02
CA LYS B 178 -11.96 4.69 12.58
C LYS B 178 -11.73 5.71 11.49
N GLY B 179 -12.35 5.47 10.33
CA GLY B 179 -12.33 6.40 9.22
C GLY B 179 -11.08 6.32 8.38
N GLN B 180 -10.19 5.41 8.76
CA GLN B 180 -8.91 5.23 8.06
C GLN B 180 -8.91 3.94 7.24
N TYR B 181 -8.13 3.91 6.16
CA TYR B 181 -7.92 2.68 5.41
C TYR B 181 -6.64 2.11 5.91
N VAL B 182 -6.72 0.94 6.55
CA VAL B 182 -5.55 0.33 7.14
C VAL B 182 -5.03 -0.81 6.27
N ASP B 183 -3.70 -0.90 6.19
CA ASP B 183 -3.01 -1.96 5.49
C ASP B 183 -2.78 -3.21 6.35
N ASP B 184 -2.76 -4.36 5.69
CA ASP B 184 -2.49 -5.59 6.39
C ASP B 184 -1.08 -6.04 6.08
N LEU B 185 -0.22 -6.02 7.11
CA LEU B 185 1.19 -6.32 6.93
C LEU B 185 1.47 -7.74 7.42
N ILE B 186 2.23 -8.48 6.64
CA ILE B 186 2.41 -9.90 6.87
C ILE B 186 3.87 -10.18 7.17
N TYR B 187 4.14 -10.50 8.43
CA TYR B 187 5.50 -10.76 8.90
C TYR B 187 5.73 -12.26 9.01
N SER B 188 6.96 -12.69 8.74
CA SER B 188 7.27 -14.10 8.84
C SER B 188 8.60 -14.27 9.52
N TYR B 189 8.83 -15.48 10.02
CA TYR B 189 10.11 -15.82 10.61
C TYR B 189 10.52 -17.18 10.06
N ASP B 190 11.74 -17.28 9.55
CA ASP B 190 12.20 -18.53 8.96
C ASP B 190 12.82 -19.48 10.02
N LEU B 191 12.06 -20.48 10.43
CA LEU B 191 12.54 -21.41 11.46
C LEU B 191 13.58 -22.35 10.91
N GLU B 192 13.38 -22.82 9.69
CA GLU B 192 14.32 -23.74 9.05
C GLU B 192 15.69 -23.07 8.94
N ALA B 193 15.69 -21.86 8.41
CA ALA B 193 16.91 -21.06 8.26
C ALA B 193 17.56 -20.66 9.60
N ALA B 194 16.77 -20.50 10.64
CA ALA B 194 17.32 -20.19 11.96
C ALA B 194 17.95 -21.45 12.54
N TYR B 195 17.14 -22.50 12.69
CA TYR B 195 17.58 -23.80 13.22
C TYR B 195 17.40 -23.88 14.74
N MSE C 35 23.43 21.00 -8.82
CA MSE C 35 23.00 20.23 -9.99
C MSE C 35 23.85 20.52 -11.23
O MSE C 35 24.16 21.67 -11.55
CB MSE C 35 21.52 20.51 -10.32
CG MSE C 35 20.88 19.45 -11.23
SE MSE C 35 19.86 20.10 -12.80
CE MSE C 35 18.96 21.66 -12.00
N LYS C 36 24.19 19.45 -11.96
CA LYS C 36 25.05 19.57 -13.14
C LYS C 36 24.57 18.73 -14.34
N ILE C 37 24.35 19.41 -15.47
CA ILE C 37 23.92 18.79 -16.74
C ILE C 37 25.10 18.63 -17.69
N SER C 38 25.18 17.49 -18.36
CA SER C 38 26.30 17.23 -19.27
C SER C 38 26.07 16.08 -20.26
N PRO C 39 26.86 16.05 -21.33
CA PRO C 39 26.80 14.90 -22.22
C PRO C 39 27.01 13.61 -21.44
N MSE C 40 26.12 12.67 -21.66
CA MSE C 40 26.19 11.36 -21.03
C MSE C 40 27.47 10.61 -21.38
O MSE C 40 27.97 10.69 -22.49
CB MSE C 40 24.99 10.55 -21.49
CG MSE C 40 24.94 9.20 -20.87
SE MSE C 40 23.59 8.17 -21.78
CE MSE C 40 23.46 6.69 -20.56
N LEU C 41 28.02 9.87 -20.41
CA LEU C 41 29.20 9.05 -20.68
C LEU C 41 28.84 7.58 -20.80
N LEU C 42 29.73 6.82 -21.44
CA LEU C 42 29.54 5.38 -21.56
C LEU C 42 29.25 4.80 -20.18
N SER C 43 29.94 5.34 -19.17
CA SER C 43 29.81 4.87 -17.80
C SER C 43 28.43 5.20 -17.19
N ASP C 44 27.81 6.26 -17.71
CA ASP C 44 26.49 6.70 -17.24
C ASP C 44 25.33 5.75 -17.57
N ILE C 45 25.52 4.91 -18.57
CA ILE C 45 24.42 4.12 -19.14
C ILE C 45 23.56 3.27 -18.18
N GLU C 46 24.21 2.57 -17.25
CA GLU C 46 23.49 1.69 -16.33
C GLU C 46 22.52 2.45 -15.47
N GLN C 47 22.92 3.65 -15.08
CA GLN C 47 22.09 4.53 -14.28
C GLN C 47 20.95 5.06 -15.11
N VAL C 48 21.22 5.31 -16.38
CA VAL C 48 20.21 5.89 -17.25
C VAL C 48 19.15 4.86 -17.57
N VAL C 49 19.56 3.63 -17.85
CA VAL C 49 18.60 2.53 -17.97
C VAL C 49 17.75 2.37 -16.69
N GLU C 50 18.40 2.46 -15.54
CA GLU C 50 17.71 2.26 -14.28
C GLU C 50 16.65 3.33 -14.03
N LEU C 51 16.98 4.58 -14.38
CA LEU C 51 16.07 5.70 -14.18
C LEU C 51 14.88 5.61 -15.15
N GLU C 52 15.17 5.24 -16.39
CA GLU C 52 14.15 5.13 -17.42
C GLU C 52 13.13 4.06 -17.08
N ASN C 53 13.61 2.90 -16.68
CA ASN C 53 12.70 1.81 -16.39
C ASN C 53 11.86 2.05 -15.14
N LYS C 54 12.39 2.84 -14.21
CA LYS C 54 11.61 3.28 -13.06
C LYS C 54 10.53 4.29 -13.48
N THR C 55 10.75 4.95 -14.63
CA THR C 55 9.88 6.03 -15.09
C THR C 55 8.80 5.70 -16.13
N TRP C 56 9.02 4.74 -17.02
CA TRP C 56 8.00 4.46 -18.03
C TRP C 56 6.89 3.55 -17.49
N SER C 57 5.66 3.94 -17.77
CA SER C 57 4.52 3.08 -17.50
C SER C 57 3.58 3.14 -18.69
N GLU C 58 2.50 2.35 -18.59
CA GLU C 58 1.40 2.38 -19.54
C GLU C 58 0.61 3.69 -19.54
N GLN C 59 0.93 4.59 -18.64
CA GLN C 59 0.29 5.89 -18.68
C GLN C 59 1.11 6.80 -19.56
N ASN C 60 2.38 6.42 -19.71
CA ASN C 60 3.44 7.24 -20.27
C ASN C 60 3.81 6.94 -21.70
N THR C 61 3.65 5.67 -22.06
CA THR C 61 4.22 5.12 -23.27
C THR C 61 3.41 3.89 -23.70
N PRO C 62 3.18 3.74 -25.02
CA PRO C 62 2.39 2.63 -25.56
C PRO C 62 3.31 1.47 -25.83
N VAL C 63 4.61 1.74 -25.72
CA VAL C 63 5.64 0.74 -25.96
C VAL C 63 5.71 -0.26 -24.79
N PRO C 64 6.00 -1.53 -25.09
CA PRO C 64 6.04 -2.60 -24.08
C PRO C 64 7.18 -2.40 -23.08
N LEU C 65 6.87 -2.63 -21.79
CA LEU C 65 7.83 -2.41 -20.72
C LEU C 65 8.58 -3.71 -20.42
N PRO C 66 9.90 -3.62 -20.25
CA PRO C 66 10.74 -2.42 -20.10
C PRO C 66 11.13 -1.77 -21.41
N VAL C 67 11.01 -0.45 -21.50
CA VAL C 67 11.37 0.20 -22.73
C VAL C 67 12.87 0.18 -22.93
N ALA C 68 13.62 0.27 -21.82
CA ALA C 68 15.07 0.48 -21.89
C ALA C 68 15.91 -0.76 -21.54
N SER C 69 16.98 -0.97 -22.31
CA SER C 69 18.01 -1.95 -21.98
C SER C 69 19.34 -1.28 -22.22
N LYS C 70 20.39 -1.81 -21.62
CA LYS C 70 21.74 -1.33 -21.87
C LYS C 70 22.02 -1.40 -23.38
N ASP C 71 21.57 -2.49 -23.98
CA ASP C 71 21.76 -2.76 -25.40
C ASP C 71 21.16 -1.68 -26.33
N GLN C 72 19.87 -1.41 -26.18
CA GLN C 72 19.19 -0.40 -27.00
C GLN C 72 19.77 1.00 -26.84
N ILE C 73 20.08 1.39 -25.60
CA ILE C 73 20.66 2.71 -25.33
C ILE C 73 22.03 2.84 -25.99
N ILE C 74 22.75 1.74 -26.06
CA ILE C 74 24.07 1.74 -26.69
C ILE C 74 24.03 1.90 -28.21
N GLN C 75 23.03 1.30 -28.87
CA GLN C 75 22.87 1.44 -30.31
C GLN C 75 22.66 2.91 -30.65
N LYS C 76 21.62 3.49 -30.04
CA LYS C 76 21.34 4.92 -30.18
C LYS C 76 22.58 5.74 -29.89
N PHE C 77 23.19 5.46 -28.75
CA PHE C 77 24.36 6.19 -28.31
C PHE C 77 25.38 6.27 -29.44
N GLU C 78 25.63 5.12 -30.07
CA GLU C 78 26.65 5.03 -31.12
C GLU C 78 26.25 5.73 -32.43
N SER C 79 24.97 5.74 -32.74
CA SER C 79 24.51 6.23 -34.04
C SER C 79 24.05 7.68 -34.05
N ASN C 80 22.73 7.84 -34.05
CA ASN C 80 22.09 9.12 -34.32
C ASN C 80 21.66 9.95 -33.10
N THR C 81 21.65 9.36 -31.91
CA THR C 81 21.03 9.98 -30.75
C THR C 81 22.03 10.63 -29.79
N HIS C 82 21.75 11.88 -29.40
CA HIS C 82 22.49 12.57 -28.34
C HIS C 82 21.78 12.50 -27.01
N PHE C 83 22.55 12.28 -25.95
CA PHE C 83 22.02 12.20 -24.59
C PHE C 83 22.58 13.32 -23.69
N LEU C 84 21.69 13.98 -22.95
CA LEU C 84 22.09 14.93 -21.90
C LEU C 84 21.66 14.42 -20.53
N VAL C 85 22.56 14.55 -19.56
CA VAL C 85 22.29 14.03 -18.24
C VAL C 85 22.27 15.08 -17.12
N ALA C 86 21.25 15.04 -16.27
CA ALA C 86 21.20 15.87 -15.06
C ALA C 86 21.71 15.06 -13.84
N LYS C 87 22.72 15.60 -13.16
CA LYS C 87 23.32 14.92 -12.02
C LYS C 87 23.22 15.77 -10.77
N ILE C 88 22.87 15.12 -9.66
CA ILE C 88 23.05 15.71 -8.35
C ILE C 88 23.98 14.82 -7.56
N LYS C 89 25.12 15.38 -7.16
CA LYS C 89 26.10 14.62 -6.37
C LYS C 89 26.37 13.26 -7.02
N ASP C 90 26.50 13.25 -8.34
CA ASP C 90 26.81 12.04 -9.09
C ASP C 90 25.73 10.94 -9.11
N LYS C 91 24.53 11.30 -8.70
CA LYS C 91 23.35 10.52 -9.07
C LYS C 91 22.64 11.24 -10.22
N ILE C 92 22.45 10.55 -11.33
CA ILE C 92 21.70 11.16 -12.41
C ILE C 92 20.23 11.14 -11.99
N VAL C 93 19.58 12.29 -12.16
CA VAL C 93 18.21 12.46 -11.74
C VAL C 93 17.35 12.93 -12.91
N GLY C 94 17.97 13.01 -14.08
CA GLY C 94 17.26 13.36 -15.30
C GLY C 94 18.04 12.97 -16.54
N VAL C 95 17.32 12.72 -17.63
CA VAL C 95 17.95 12.39 -18.91
C VAL C 95 17.11 12.90 -20.07
N LEU C 96 17.77 13.50 -21.06
CA LEU C 96 17.10 13.92 -22.29
C LEU C 96 17.85 13.39 -23.52
N ASP C 97 17.14 12.67 -24.39
CA ASP C 97 17.76 12.18 -25.63
C ASP C 97 17.10 12.81 -26.87
N TYR C 98 17.90 13.35 -27.76
CA TYR C 98 17.36 14.01 -28.95
C TYR C 98 18.00 13.52 -30.24
N SER C 99 17.22 13.50 -31.32
CA SER C 99 17.72 13.07 -32.62
C SER C 99 16.81 13.60 -33.75
N SER C 100 17.36 13.67 -34.95
CA SER C 100 16.56 14.00 -36.12
C SER C 100 15.32 13.10 -36.21
N LEU C 101 14.17 13.69 -36.48
CA LEU C 101 12.96 12.89 -36.61
C LEU C 101 12.99 11.97 -37.83
N TYR C 102 13.83 12.31 -38.82
CA TYR C 102 13.85 11.60 -40.10
C TYR C 102 15.27 11.29 -40.60
N PRO C 103 15.47 10.06 -41.12
CA PRO C 103 16.75 9.65 -41.71
C PRO C 103 17.06 10.35 -43.04
N PHE C 104 16.02 10.78 -43.77
CA PHE C 104 16.23 11.34 -45.11
C PHE C 104 16.28 12.86 -45.07
N PRO C 105 16.92 13.45 -46.09
CA PRO C 105 17.17 14.91 -46.18
C PRO C 105 15.90 15.76 -46.19
N SER C 106 14.86 15.37 -46.92
CA SER C 106 13.66 16.20 -46.99
C SER C 106 13.05 16.48 -45.61
N GLY C 107 13.43 15.69 -44.60
CA GLY C 107 12.88 15.85 -43.26
C GLY C 107 13.95 16.11 -42.22
N GLN C 108 15.11 16.57 -42.66
CA GLN C 108 16.27 16.76 -41.78
C GLN C 108 16.13 18.03 -40.91
N HIS C 109 15.07 18.80 -41.13
CA HIS C 109 14.90 20.08 -40.45
C HIS C 109 14.06 19.98 -39.20
N ILE C 110 13.74 18.75 -38.80
CA ILE C 110 12.86 18.52 -37.65
C ILE C 110 13.59 17.68 -36.61
N VAL C 111 13.62 18.16 -35.38
CA VAL C 111 14.28 17.38 -34.34
C VAL C 111 13.24 16.87 -33.38
N THR C 112 13.50 15.73 -32.75
CA THR C 112 12.66 15.22 -31.66
C THR C 112 13.48 14.85 -30.42
N PHE C 113 12.79 14.54 -29.33
CA PHE C 113 13.49 14.17 -28.09
C PHE C 113 12.59 13.48 -27.10
N GLY C 114 13.20 12.86 -26.10
CA GLY C 114 12.46 12.33 -24.98
C GLY C 114 13.08 12.86 -23.70
N ILE C 115 12.28 12.94 -22.65
CA ILE C 115 12.76 13.40 -21.34
C ILE C 115 12.25 12.53 -20.20
N ALA C 116 13.11 12.26 -19.23
CA ALA C 116 12.75 11.58 -17.98
C ALA C 116 13.41 12.24 -16.75
N VAL C 117 12.59 12.68 -15.81
CA VAL C 117 13.06 13.25 -14.54
C VAL C 117 12.63 12.34 -13.39
N ALA C 118 13.59 11.85 -12.61
CA ALA C 118 13.28 10.95 -11.47
C ALA C 118 12.12 11.44 -10.61
N GLU C 119 11.14 10.57 -10.37
CA GLU C 119 9.91 10.98 -9.70
C GLU C 119 10.13 11.89 -8.49
N LYS C 120 11.07 11.48 -7.64
CA LYS C 120 11.40 12.17 -6.39
C LYS C 120 11.93 13.59 -6.58
N GLU C 121 12.44 13.88 -7.77
CA GLU C 121 13.07 15.19 -8.05
C GLU C 121 12.26 16.12 -8.95
N ARG C 122 11.00 15.77 -9.23
CA ARG C 122 10.11 16.56 -10.09
C ARG C 122 9.54 17.82 -9.44
N ARG C 123 9.00 18.70 -10.28
CA ARG C 123 8.57 20.06 -9.88
C ARG C 123 9.71 20.91 -9.29
N LYS C 124 10.95 20.47 -9.47
CA LYS C 124 12.13 21.24 -9.04
C LYS C 124 12.81 21.98 -10.20
N GLY C 125 12.17 21.97 -11.37
CA GLY C 125 12.67 22.71 -12.51
C GLY C 125 13.79 22.05 -13.33
N ILE C 126 14.10 20.79 -13.05
CA ILE C 126 15.19 20.15 -13.78
C ILE C 126 14.79 19.77 -15.21
N GLY C 127 13.52 19.40 -15.39
CA GLY C 127 13.00 19.13 -16.71
C GLY C 127 13.18 20.35 -17.60
N ARG C 128 12.62 21.48 -17.17
CA ARG C 128 12.74 22.70 -17.95
C ARG C 128 14.21 23.04 -18.24
N ALA C 129 15.09 22.73 -17.29
CA ALA C 129 16.50 23.07 -17.48
C ALA C 129 17.16 22.22 -18.55
N LEU C 130 16.85 20.92 -18.53
CA LEU C 130 17.33 20.04 -19.58
C LEU C 130 16.79 20.55 -20.92
N VAL C 131 15.51 20.88 -20.95
CA VAL C 131 14.89 21.31 -22.20
C VAL C 131 15.47 22.63 -22.72
N GLN C 132 15.70 23.59 -21.82
CA GLN C 132 16.25 24.88 -22.23
C GLN C 132 17.66 24.67 -22.79
N ILE C 133 18.40 23.75 -22.22
CA ILE C 133 19.70 23.43 -22.78
C ILE C 133 19.58 22.79 -24.17
N PHE C 134 18.72 21.79 -24.28
CA PHE C 134 18.44 21.12 -25.55
C PHE C 134 18.12 22.16 -26.63
N LEU C 135 17.19 23.06 -26.33
CA LEU C 135 16.72 24.05 -27.27
C LEU C 135 17.85 24.90 -27.86
N ASN C 136 18.75 25.35 -27.01
CA ASN C 136 19.81 26.22 -27.48
C ASN C 136 20.86 25.46 -28.25
N GLU C 137 20.93 24.15 -28.02
CA GLU C 137 21.83 23.28 -28.74
C GLU C 137 21.39 23.08 -30.19
N VAL C 138 20.09 23.24 -30.44
CA VAL C 138 19.52 22.88 -31.73
C VAL C 138 18.93 24.07 -32.48
N LYS C 139 18.82 25.22 -31.81
CA LYS C 139 18.16 26.39 -32.39
C LYS C 139 18.83 26.86 -33.66
N SER C 140 19.96 26.25 -33.97
CA SER C 140 20.80 26.69 -35.07
C SER C 140 20.77 25.72 -36.25
N ASP C 141 20.42 24.47 -35.97
CA ASP C 141 20.50 23.42 -36.97
C ASP C 141 19.13 22.86 -37.28
N TYR C 142 18.08 23.44 -36.72
CA TYR C 142 16.74 22.92 -36.90
C TYR C 142 15.73 24.05 -36.94
N GLN C 143 14.56 23.77 -37.48
CA GLN C 143 13.52 24.78 -37.56
C GLN C 143 12.29 24.35 -36.80
N LYS C 144 12.34 23.12 -36.28
CA LYS C 144 11.16 22.55 -35.67
C LYS C 144 11.52 21.41 -34.74
N VAL C 145 10.86 21.40 -33.58
CA VAL C 145 10.88 20.28 -32.66
C VAL C 145 9.50 19.67 -32.68
N LEU C 146 9.44 18.35 -32.75
CA LEU C 146 8.14 17.68 -32.71
C LEU C 146 8.25 16.52 -31.75
N ILE C 147 7.17 16.24 -31.02
CA ILE C 147 7.20 15.11 -30.08
C ILE C 147 5.82 14.52 -29.92
N HIS C 148 5.76 13.28 -29.44
CA HIS C 148 4.47 12.62 -29.13
C HIS C 148 4.20 12.56 -27.63
N VAL C 149 2.95 12.78 -27.24
CA VAL C 149 2.55 12.69 -25.84
C VAL C 149 1.19 12.01 -25.76
N LEU C 150 1.07 11.00 -24.89
CA LEU C 150 -0.23 10.38 -24.61
C LEU C 150 -1.18 11.35 -23.90
N SER C 151 -2.45 11.29 -24.27
CA SER C 151 -3.44 12.13 -23.63
C SER C 151 -3.66 11.60 -22.22
N SER C 152 -3.16 10.40 -21.96
CA SER C 152 -3.19 9.80 -20.64
C SER C 152 -2.09 10.40 -19.75
N ASN C 153 -1.18 11.16 -20.35
CA ASN C 153 -0.03 11.69 -19.63
C ASN C 153 -0.15 13.20 -19.44
N GLN C 154 -1.07 13.61 -18.57
CA GLN C 154 -1.39 15.04 -18.38
C GLN C 154 -0.34 15.86 -17.60
N GLU C 155 0.57 15.19 -16.92
CA GLU C 155 1.74 15.84 -16.40
C GLU C 155 2.54 16.51 -17.51
N ALA C 156 3.01 15.66 -18.42
CA ALA C 156 3.73 16.11 -19.60
C ALA C 156 2.94 17.17 -20.41
N VAL C 157 1.65 16.93 -20.60
CA VAL C 157 0.78 17.94 -21.19
C VAL C 157 1.02 19.34 -20.59
N LEU C 158 0.80 19.46 -19.29
CA LEU C 158 0.99 20.73 -18.59
C LEU C 158 2.44 21.24 -18.61
N PHE C 159 3.41 20.33 -18.63
CA PHE C 159 4.83 20.70 -18.74
C PHE C 159 5.18 21.26 -20.11
N TYR C 160 4.62 20.68 -21.17
CA TYR C 160 4.84 21.20 -22.50
C TYR C 160 4.08 22.50 -22.78
N LYS C 161 2.86 22.61 -22.26
CA LYS C 161 2.13 23.86 -22.38
C LYS C 161 2.92 24.96 -21.68
N LYS C 162 3.43 24.64 -20.51
CA LYS C 162 4.25 25.61 -19.81
C LYS C 162 5.45 26.08 -20.64
N LEU C 163 6.09 25.17 -21.35
CA LEU C 163 7.27 25.49 -22.15
C LEU C 163 6.99 26.20 -23.51
N GLY C 164 5.72 26.34 -23.86
CA GLY C 164 5.33 27.03 -25.09
C GLY C 164 5.23 26.20 -26.36
N PHE C 165 5.11 24.87 -26.20
CA PHE C 165 4.87 23.99 -27.34
C PHE C 165 3.42 24.14 -27.74
N ASP C 166 3.13 24.07 -29.03
CA ASP C 166 1.74 24.11 -29.45
C ASP C 166 1.24 22.70 -29.73
N LEU C 167 -0.03 22.46 -29.44
CA LEU C 167 -0.67 21.22 -29.83
C LEU C 167 -0.87 21.19 -31.33
N GLU C 168 -0.03 20.46 -32.04
CA GLU C 168 -0.15 20.39 -33.50
C GLU C 168 -1.22 19.42 -34.02
N ALA C 169 -1.42 18.30 -33.33
CA ALA C 169 -2.37 17.28 -33.82
C ALA C 169 -2.82 16.33 -32.73
N ARG C 170 -3.98 15.73 -32.93
CA ARG C 170 -4.47 14.70 -32.02
C ARG C 170 -4.93 13.46 -32.81
N LEU C 171 -4.19 12.37 -32.68
CA LEU C 171 -4.60 11.10 -33.27
C LEU C 171 -5.47 10.28 -32.31
N THR C 172 -6.72 10.13 -32.71
CA THR C 172 -7.75 9.62 -31.85
C THR C 172 -7.78 8.09 -31.72
N LYS C 173 -7.87 7.59 -30.48
CA LYS C 173 -7.89 6.16 -30.18
C LYS C 173 -6.70 5.46 -30.80
N GLN C 174 -5.56 6.11 -30.72
CA GLN C 174 -4.35 5.58 -31.30
C GLN C 174 -3.82 4.33 -30.57
N PHE C 175 -4.02 4.27 -29.26
CA PHE C 175 -3.43 3.19 -28.49
C PHE C 175 -4.40 2.58 -27.50
N PHE C 176 -4.33 1.27 -27.35
CA PHE C 176 -5.13 0.60 -26.32
C PHE C 176 -4.28 0.13 -25.14
N LEU C 177 -4.44 0.79 -23.99
CA LEU C 177 -3.65 0.53 -22.77
C LEU C 177 -4.51 0.45 -21.51
N LYS C 178 -4.29 -0.59 -20.70
CA LYS C 178 -5.01 -0.75 -19.44
C LYS C 178 -6.52 -0.63 -19.60
N GLY C 179 -7.06 -1.31 -20.60
CA GLY C 179 -8.50 -1.39 -20.81
C GLY C 179 -9.16 -0.20 -21.49
N GLN C 180 -8.38 0.82 -21.88
CA GLN C 180 -8.92 2.01 -22.55
C GLN C 180 -8.11 2.44 -23.76
N TYR C 181 -8.79 3.13 -24.67
CA TYR C 181 -8.14 3.79 -25.80
C TYR C 181 -7.56 5.13 -25.38
N VAL C 182 -6.47 5.51 -26.00
CA VAL C 182 -5.80 6.75 -25.67
C VAL C 182 -5.44 7.49 -26.96
N ASP C 183 -5.41 8.82 -26.90
CA ASP C 183 -5.04 9.61 -28.05
C ASP C 183 -3.53 9.88 -28.09
N ASP C 184 -3.01 10.11 -29.29
CA ASP C 184 -1.63 10.51 -29.48
C ASP C 184 -1.66 12.00 -29.84
N LEU C 185 -1.08 12.81 -28.98
CA LEU C 185 -1.02 14.24 -29.22
C LEU C 185 0.36 14.60 -29.71
N ILE C 186 0.40 15.40 -30.76
CA ILE C 186 1.68 15.81 -31.29
C ILE C 186 1.89 17.27 -30.92
N TYR C 187 3.00 17.58 -30.25
CA TYR C 187 3.31 18.93 -29.83
C TYR C 187 4.51 19.44 -30.60
N SER C 188 4.55 20.75 -30.86
CA SER C 188 5.68 21.26 -31.62
C SER C 188 6.19 22.62 -31.15
N TYR C 189 7.46 22.83 -31.43
CA TYR C 189 8.10 24.06 -31.09
C TYR C 189 8.72 24.63 -32.36
N ASP C 190 8.42 25.91 -32.59
CA ASP C 190 8.89 26.67 -33.74
C ASP C 190 10.22 27.35 -33.47
N LEU C 191 11.31 26.71 -33.87
CA LEU C 191 12.65 27.24 -33.68
C LEU C 191 12.94 28.46 -34.58
N GLU C 192 11.93 29.00 -35.25
CA GLU C 192 12.09 30.18 -36.12
C GLU C 192 11.37 31.45 -35.60
N SER D 34 -24.01 -20.15 -28.64
CA SER D 34 -25.20 -20.41 -27.86
C SER D 34 -24.86 -20.55 -26.39
N MSE D 35 -23.80 -19.91 -25.95
CA MSE D 35 -23.51 -20.02 -24.53
C MSE D 35 -24.17 -18.92 -23.71
O MSE D 35 -24.13 -17.73 -24.07
CB MSE D 35 -21.99 -20.04 -24.27
CG MSE D 35 -21.37 -18.68 -23.94
SE MSE D 35 -20.64 -18.57 -22.11
CE MSE D 35 -20.02 -20.42 -21.97
N LYS D 36 -24.79 -19.33 -22.62
CA LYS D 36 -25.59 -18.45 -21.78
C LYS D 36 -25.11 -18.49 -20.33
N ILE D 37 -24.83 -17.32 -19.77
CA ILE D 37 -24.46 -17.22 -18.36
C ILE D 37 -25.65 -16.76 -17.51
N SER D 38 -25.97 -17.51 -16.47
CA SER D 38 -27.07 -17.15 -15.59
C SER D 38 -26.82 -17.58 -14.14
N PRO D 39 -27.67 -17.13 -13.23
CA PRO D 39 -27.51 -17.58 -11.85
C PRO D 39 -27.79 -19.05 -11.73
N MSE D 40 -27.16 -19.68 -10.75
CA MSE D 40 -27.31 -21.09 -10.53
C MSE D 40 -28.70 -21.47 -10.00
O MSE D 40 -29.35 -20.66 -9.35
CB MSE D 40 -26.25 -21.54 -9.56
CG MSE D 40 -26.16 -23.03 -9.44
SE MSE D 40 -24.76 -23.53 -8.22
CE MSE D 40 -25.55 -22.88 -6.55
N LEU D 41 -29.13 -22.70 -10.27
CA LEU D 41 -30.40 -23.21 -9.75
C LEU D 41 -30.10 -24.41 -8.89
N LEU D 42 -30.99 -24.69 -7.93
CA LEU D 42 -30.85 -25.88 -7.11
C LEU D 42 -30.58 -27.12 -7.99
N SER D 43 -31.14 -27.10 -9.20
CA SER D 43 -30.99 -28.19 -10.16
C SER D 43 -29.56 -28.35 -10.65
N ASP D 44 -28.92 -27.20 -10.89
CA ASP D 44 -27.56 -27.16 -11.41
C ASP D 44 -26.50 -27.84 -10.52
N ILE D 45 -26.74 -27.88 -9.21
CA ILE D 45 -25.69 -28.25 -8.25
C ILE D 45 -24.97 -29.55 -8.58
N GLU D 46 -25.71 -30.57 -8.98
CA GLU D 46 -25.13 -31.85 -9.39
C GLU D 46 -24.03 -31.66 -10.44
N GLN D 47 -24.36 -30.94 -11.51
CA GLN D 47 -23.41 -30.69 -12.58
C GLN D 47 -22.24 -29.86 -12.10
N VAL D 48 -22.49 -28.99 -11.11
CA VAL D 48 -21.43 -28.13 -10.60
C VAL D 48 -20.42 -28.90 -9.74
N VAL D 49 -20.92 -29.73 -8.84
CA VAL D 49 -20.02 -30.53 -8.04
C VAL D 49 -19.17 -31.38 -8.97
N GLU D 50 -19.80 -31.96 -9.96
CA GLU D 50 -19.14 -32.83 -10.92
C GLU D 50 -18.02 -32.09 -11.68
N LEU D 51 -18.30 -30.85 -12.11
CA LEU D 51 -17.33 -30.04 -12.85
C LEU D 51 -16.14 -29.57 -12.02
N GLU D 52 -16.41 -29.09 -10.81
CA GLU D 52 -15.33 -28.71 -9.92
C GLU D 52 -14.40 -29.89 -9.62
N ASN D 53 -14.96 -31.00 -9.20
CA ASN D 53 -14.12 -32.12 -8.82
C ASN D 53 -13.28 -32.64 -9.99
N LYS D 54 -13.72 -32.29 -11.20
CA LYS D 54 -12.98 -32.64 -12.40
C LYS D 54 -11.87 -31.63 -12.67
N THR D 55 -12.00 -30.46 -12.06
CA THR D 55 -11.07 -29.35 -12.27
C THR D 55 -9.96 -29.25 -11.22
N TRP D 56 -10.32 -29.40 -9.96
CA TRP D 56 -9.38 -29.10 -8.88
C TRP D 56 -8.35 -30.19 -8.66
N SER D 57 -7.07 -29.83 -8.80
CA SER D 57 -5.98 -30.74 -8.43
C SER D 57 -4.86 -30.05 -7.64
N GLU D 58 -3.95 -30.85 -7.10
CA GLU D 58 -2.83 -30.38 -6.30
C GLU D 58 -1.98 -29.36 -7.02
N GLN D 59 -2.25 -29.19 -8.29
CA GLN D 59 -1.50 -28.24 -9.09
C GLN D 59 -2.11 -26.84 -8.94
N ASN D 60 -3.41 -26.76 -8.64
CA ASN D 60 -4.11 -25.47 -8.53
C ASN D 60 -4.87 -25.21 -7.20
N THR D 61 -4.80 -26.15 -6.28
CA THR D 61 -5.44 -25.98 -4.98
C THR D 61 -4.68 -26.75 -3.90
N PRO D 62 -4.55 -26.14 -2.70
CA PRO D 62 -3.83 -26.66 -1.52
C PRO D 62 -4.73 -27.48 -0.62
N VAL D 63 -6.03 -27.33 -0.84
CA VAL D 63 -7.02 -28.05 -0.07
C VAL D 63 -7.11 -29.51 -0.49
N PRO D 64 -7.37 -30.39 0.49
CA PRO D 64 -7.51 -31.82 0.19
C PRO D 64 -8.62 -32.08 -0.84
N LEU D 65 -8.32 -32.94 -1.81
CA LEU D 65 -9.28 -33.39 -2.81
C LEU D 65 -10.08 -34.56 -2.25
N PRO D 66 -11.38 -34.65 -2.58
CA PRO D 66 -12.10 -33.79 -3.53
C PRO D 66 -12.59 -32.56 -2.80
N VAL D 67 -12.56 -31.41 -3.47
CA VAL D 67 -12.85 -30.15 -2.79
C VAL D 67 -14.34 -29.92 -2.61
N ALA D 68 -15.12 -30.34 -3.60
CA ALA D 68 -16.54 -30.00 -3.66
C ALA D 68 -17.44 -31.16 -3.29
N SER D 69 -18.62 -30.85 -2.76
CA SER D 69 -19.66 -31.83 -2.55
C SER D 69 -21.01 -31.15 -2.67
N LYS D 70 -22.05 -31.98 -2.78
CA LYS D 70 -23.43 -31.51 -2.85
C LYS D 70 -23.72 -30.63 -1.63
N ASP D 71 -23.36 -31.15 -0.46
CA ASP D 71 -23.63 -30.53 0.82
C ASP D 71 -22.91 -29.20 1.00
N GLN D 72 -21.59 -29.22 0.83
CA GLN D 72 -20.79 -28.04 1.05
C GLN D 72 -21.20 -26.87 0.13
N ILE D 73 -21.56 -27.18 -1.12
CA ILE D 73 -21.97 -26.14 -2.07
C ILE D 73 -23.29 -25.52 -1.67
N ILE D 74 -24.13 -26.29 -1.02
CA ILE D 74 -25.38 -25.79 -0.49
C ILE D 74 -25.17 -24.80 0.66
N GLN D 75 -24.23 -25.08 1.54
CA GLN D 75 -23.90 -24.13 2.62
C GLN D 75 -23.62 -22.76 2.03
N LYS D 76 -22.67 -22.73 1.10
CA LYS D 76 -22.27 -21.48 0.47
C LYS D 76 -23.51 -20.82 -0.12
N PHE D 77 -24.23 -21.58 -0.93
CA PHE D 77 -25.43 -21.09 -1.60
C PHE D 77 -26.43 -20.52 -0.61
N GLU D 78 -26.69 -21.27 0.45
CA GLU D 78 -27.62 -20.88 1.50
C GLU D 78 -27.15 -19.76 2.46
N SER D 79 -25.84 -19.49 2.49
CA SER D 79 -25.35 -18.35 3.26
C SER D 79 -25.00 -17.18 2.37
N ASN D 80 -23.71 -16.99 2.15
CA ASN D 80 -23.17 -15.75 1.60
C ASN D 80 -22.69 -15.75 0.14
N THR D 81 -22.60 -16.91 -0.48
CA THR D 81 -21.99 -17.00 -1.80
C THR D 81 -23.01 -16.91 -2.92
N HIS D 82 -22.67 -16.15 -3.97
CA HIS D 82 -23.46 -16.14 -5.20
C HIS D 82 -22.74 -16.98 -6.26
N PHE D 83 -23.52 -17.65 -7.10
CA PHE D 83 -22.96 -18.49 -8.17
C PHE D 83 -23.45 -18.04 -9.55
N LEU D 84 -22.50 -17.79 -10.45
CA LEU D 84 -22.81 -17.56 -11.86
C LEU D 84 -22.48 -18.83 -12.60
N VAL D 85 -23.38 -19.22 -13.50
CA VAL D 85 -23.20 -20.47 -14.22
C VAL D 85 -23.21 -20.30 -15.77
N ALA D 86 -22.22 -20.89 -16.41
CA ALA D 86 -22.12 -20.90 -17.88
C ALA D 86 -22.66 -22.22 -18.47
N LYS D 87 -23.46 -22.09 -19.52
CA LYS D 87 -24.13 -23.25 -20.10
C LYS D 87 -24.16 -23.18 -21.61
N ILE D 88 -24.00 -24.34 -22.25
CA ILE D 88 -24.23 -24.47 -23.67
C ILE D 88 -24.94 -25.79 -23.90
N LYS D 89 -26.03 -25.76 -24.65
CA LYS D 89 -26.87 -26.95 -24.84
C LYS D 89 -27.36 -27.49 -23.50
N ASP D 90 -27.65 -26.58 -22.56
CA ASP D 90 -28.07 -26.95 -21.22
C ASP D 90 -27.00 -27.72 -20.44
N LYS D 91 -25.76 -27.67 -20.92
CA LYS D 91 -24.67 -28.33 -20.23
C LYS D 91 -23.77 -27.29 -19.60
N ILE D 92 -23.60 -27.39 -18.28
CA ILE D 92 -22.81 -26.43 -17.53
C ILE D 92 -21.37 -26.53 -17.99
N VAL D 93 -20.81 -25.42 -18.46
CA VAL D 93 -19.44 -25.43 -18.95
C VAL D 93 -18.50 -24.55 -18.11
N GLY D 94 -19.07 -23.84 -17.14
CA GLY D 94 -18.27 -23.10 -16.17
C GLY D 94 -19.07 -22.60 -14.97
N VAL D 95 -18.40 -22.43 -13.83
CA VAL D 95 -18.97 -21.79 -12.64
C VAL D 95 -18.09 -20.68 -12.11
N LEU D 96 -18.72 -19.59 -11.68
CA LEU D 96 -18.02 -18.57 -10.93
C LEU D 96 -18.78 -18.28 -9.63
N ASP D 97 -18.09 -18.41 -8.50
CA ASP D 97 -18.72 -18.14 -7.20
C ASP D 97 -18.00 -17.01 -6.48
N TYR D 98 -18.77 -16.06 -5.97
CA TYR D 98 -18.16 -14.94 -5.31
C TYR D 98 -18.79 -14.63 -3.96
N SER D 99 -18.04 -13.91 -3.14
CA SER D 99 -18.50 -13.52 -1.82
C SER D 99 -17.55 -12.51 -1.19
N SER D 100 -18.04 -11.86 -0.14
CA SER D 100 -17.20 -11.06 0.73
C SER D 100 -16.00 -11.84 1.24
N LEU D 101 -14.82 -11.27 1.08
CA LEU D 101 -13.62 -11.85 1.64
C LEU D 101 -13.64 -12.02 3.17
N TYR D 102 -14.34 -11.13 3.87
CA TYR D 102 -14.40 -11.14 5.33
C TYR D 102 -15.84 -11.10 5.83
N PRO D 103 -16.08 -11.74 6.99
CA PRO D 103 -17.38 -11.69 7.69
C PRO D 103 -17.68 -10.32 8.30
N PHE D 104 -16.67 -9.73 8.94
CA PHE D 104 -16.91 -8.57 9.78
C PHE D 104 -16.94 -7.27 8.97
N PRO D 105 -17.56 -6.21 9.53
CA PRO D 105 -17.74 -4.96 8.77
C PRO D 105 -16.48 -4.25 8.29
N SER D 106 -15.39 -4.22 9.05
CA SER D 106 -14.24 -3.43 8.60
C SER D 106 -13.64 -3.90 7.25
N GLY D 107 -14.03 -5.09 6.80
CA GLY D 107 -13.48 -5.64 5.56
C GLY D 107 -14.53 -5.95 4.52
N GLN D 108 -15.72 -5.38 4.67
CA GLN D 108 -16.84 -5.76 3.83
C GLN D 108 -16.73 -5.22 2.38
N HIS D 109 -15.77 -4.32 2.15
CA HIS D 109 -15.62 -3.68 0.85
C HIS D 109 -14.68 -4.47 -0.04
N ILE D 110 -14.33 -5.68 0.38
CA ILE D 110 -13.49 -6.54 -0.43
C ILE D 110 -14.22 -7.80 -0.81
N VAL D 111 -14.33 -8.02 -2.11
CA VAL D 111 -15.01 -9.19 -2.66
C VAL D 111 -13.97 -10.21 -3.16
N THR D 112 -14.33 -11.49 -3.12
CA THR D 112 -13.46 -12.54 -3.67
C THR D 112 -14.29 -13.56 -4.48
N PHE D 113 -13.62 -14.37 -5.30
CA PHE D 113 -14.33 -15.35 -6.13
C PHE D 113 -13.45 -16.53 -6.54
N GLY D 114 -14.09 -17.63 -6.92
CA GLY D 114 -13.40 -18.75 -7.53
C GLY D 114 -13.94 -18.91 -8.94
N ILE D 115 -13.24 -19.70 -9.76
CA ILE D 115 -13.68 -19.95 -11.13
C ILE D 115 -13.21 -21.30 -11.71
N ALA D 116 -14.11 -21.97 -12.43
CA ALA D 116 -13.73 -23.24 -13.05
C ALA D 116 -14.42 -23.39 -14.40
N VAL D 117 -13.61 -23.53 -15.45
CA VAL D 117 -14.10 -23.78 -16.80
C VAL D 117 -13.71 -25.19 -17.27
N ALA D 118 -14.70 -25.98 -17.69
CA ALA D 118 -14.48 -27.35 -18.19
C ALA D 118 -13.32 -27.40 -19.15
N GLU D 119 -12.38 -28.30 -18.87
CA GLU D 119 -11.12 -28.41 -19.61
C GLU D 119 -11.24 -28.33 -21.13
N LYS D 120 -12.19 -29.07 -21.70
CA LYS D 120 -12.34 -29.10 -23.14
C LYS D 120 -12.96 -27.81 -23.71
N GLU D 121 -13.48 -26.93 -22.86
CA GLU D 121 -14.04 -25.66 -23.32
C GLU D 121 -13.15 -24.51 -22.92
N ARG D 122 -11.96 -24.86 -22.47
CA ARG D 122 -11.03 -23.81 -22.13
C ARG D 122 -10.51 -23.13 -23.37
N ARG D 123 -10.05 -21.90 -23.19
CA ARG D 123 -9.49 -21.10 -24.27
C ARG D 123 -10.56 -20.84 -25.31
N LYS D 124 -11.82 -20.90 -24.89
CA LYS D 124 -12.91 -20.54 -25.79
C LYS D 124 -13.56 -19.19 -25.44
N GLY D 125 -13.07 -18.53 -24.39
CA GLY D 125 -13.59 -17.23 -23.96
C GLY D 125 -14.58 -17.26 -22.79
N ILE D 126 -14.93 -18.46 -22.37
CA ILE D 126 -15.88 -18.67 -21.27
C ILE D 126 -15.43 -17.99 -19.97
N GLY D 127 -14.17 -18.22 -19.59
CA GLY D 127 -13.59 -17.60 -18.41
C GLY D 127 -13.72 -16.09 -18.40
N ARG D 128 -13.36 -15.45 -19.51
CA ARG D 128 -13.46 -13.99 -19.54
C ARG D 128 -14.91 -13.50 -19.40
N ALA D 129 -15.85 -14.27 -19.92
CA ALA D 129 -17.23 -13.83 -19.93
C ALA D 129 -17.84 -13.85 -18.53
N LEU D 130 -17.46 -14.87 -17.76
CA LEU D 130 -17.83 -14.99 -16.37
C LEU D 130 -17.29 -13.81 -15.58
N VAL D 131 -16.00 -13.56 -15.70
CA VAL D 131 -15.37 -12.52 -14.92
C VAL D 131 -15.94 -11.15 -15.28
N GLN D 132 -16.13 -10.90 -16.57
CA GLN D 132 -16.68 -9.61 -16.99
C GLN D 132 -18.06 -9.37 -16.38
N ILE D 133 -18.89 -10.41 -16.37
CA ILE D 133 -20.23 -10.30 -15.80
C ILE D 133 -20.16 -10.11 -14.29
N PHE D 134 -19.31 -10.91 -13.66
CA PHE D 134 -19.07 -10.81 -12.22
C PHE D 134 -18.60 -9.41 -11.87
N LEU D 135 -17.57 -8.94 -12.57
CA LEU D 135 -17.06 -7.59 -12.32
C LEU D 135 -18.18 -6.57 -12.37
N ASN D 136 -19.20 -6.87 -13.17
CA ASN D 136 -20.27 -5.92 -13.39
C ASN D 136 -21.26 -5.81 -12.23
N GLU D 137 -21.77 -6.97 -11.81
CA GLU D 137 -22.69 -7.09 -10.68
C GLU D 137 -22.15 -6.47 -9.40
N VAL D 138 -20.84 -6.32 -9.36
CA VAL D 138 -20.12 -6.19 -8.11
C VAL D 138 -19.40 -4.85 -7.96
N LYS D 139 -19.32 -4.07 -9.04
CA LYS D 139 -18.56 -2.83 -9.05
C LYS D 139 -19.25 -1.65 -8.35
N SER D 140 -20.42 -1.90 -7.77
CA SER D 140 -21.14 -0.89 -7.00
C SER D 140 -20.96 -1.18 -5.51
N ASP D 141 -20.92 -2.46 -5.18
CA ASP D 141 -20.89 -2.90 -3.79
C ASP D 141 -19.50 -3.01 -3.17
N TYR D 142 -18.47 -3.11 -3.99
CA TYR D 142 -17.13 -3.30 -3.45
C TYR D 142 -16.16 -2.32 -4.04
N GLN D 143 -14.98 -2.20 -3.43
CA GLN D 143 -13.91 -1.34 -3.93
C GLN D 143 -12.74 -2.15 -4.48
N LYS D 144 -12.67 -3.42 -4.10
CA LYS D 144 -11.48 -4.23 -4.36
C LYS D 144 -11.82 -5.71 -4.47
N VAL D 145 -11.34 -6.34 -5.53
CA VAL D 145 -11.38 -7.78 -5.63
C VAL D 145 -10.02 -8.30 -5.19
N LEU D 146 -10.01 -9.43 -4.48
CA LEU D 146 -8.75 -10.08 -4.07
C LEU D 146 -8.87 -11.60 -4.19
N ILE D 147 -7.86 -12.23 -4.79
CA ILE D 147 -7.85 -13.69 -4.95
C ILE D 147 -6.46 -14.29 -4.70
N HIS D 148 -6.43 -15.57 -4.34
CA HIS D 148 -5.19 -16.33 -4.29
C HIS D 148 -5.00 -17.22 -5.52
N VAL D 149 -3.75 -17.37 -5.98
CA VAL D 149 -3.39 -18.25 -7.07
C VAL D 149 -2.06 -18.92 -6.73
N LEU D 150 -1.98 -20.25 -6.88
CA LEU D 150 -0.70 -20.93 -6.69
C LEU D 150 0.31 -20.54 -7.77
N SER D 151 1.58 -20.45 -7.40
CA SER D 151 2.62 -20.15 -8.38
C SER D 151 2.74 -21.25 -9.42
N SER D 152 2.17 -22.41 -9.12
CA SER D 152 2.22 -23.57 -9.98
C SER D 152 1.02 -23.62 -10.92
N ASN D 153 0.06 -22.74 -10.70
CA ASN D 153 -1.08 -22.60 -11.61
C ASN D 153 -0.82 -21.49 -12.63
N GLN D 154 0.11 -21.76 -13.53
CA GLN D 154 0.59 -20.76 -14.49
C GLN D 154 -0.47 -20.31 -15.53
N GLU D 155 -1.43 -21.16 -15.83
CA GLU D 155 -2.50 -20.82 -16.75
C GLU D 155 -3.36 -19.71 -16.14
N ALA D 156 -3.70 -19.91 -14.86
CA ALA D 156 -4.45 -18.92 -14.08
C ALA D 156 -3.71 -17.57 -14.01
N VAL D 157 -2.39 -17.61 -13.78
CA VAL D 157 -1.61 -16.38 -13.68
C VAL D 157 -1.69 -15.55 -14.96
N LEU D 158 -1.39 -16.19 -16.08
CA LEU D 158 -1.49 -15.58 -17.40
C LEU D 158 -2.89 -15.02 -17.64
N PHE D 159 -3.90 -15.82 -17.33
CA PHE D 159 -5.31 -15.42 -17.39
C PHE D 159 -5.63 -14.14 -16.62
N TYR D 160 -5.26 -14.09 -15.33
CA TYR D 160 -5.50 -12.91 -14.52
C TYR D 160 -4.70 -11.68 -14.97
N LYS D 161 -3.48 -11.90 -15.47
CA LYS D 161 -2.72 -10.83 -16.07
C LYS D 161 -3.48 -10.16 -17.22
N LYS D 162 -3.90 -10.96 -18.19
CA LYS D 162 -4.63 -10.45 -19.33
C LYS D 162 -5.86 -9.63 -18.93
N LEU D 163 -6.45 -9.95 -17.77
CA LEU D 163 -7.73 -9.34 -17.37
C LEU D 163 -7.60 -8.04 -16.57
N GLY D 164 -6.37 -7.59 -16.34
CA GLY D 164 -6.17 -6.35 -15.64
C GLY D 164 -5.78 -6.49 -14.17
N PHE D 165 -5.88 -7.70 -13.64
CA PHE D 165 -5.51 -7.95 -12.24
C PHE D 165 -4.03 -7.61 -12.02
N ASP D 166 -3.75 -7.05 -10.85
CA ASP D 166 -2.41 -6.69 -10.45
C ASP D 166 -1.91 -7.66 -9.40
N LEU D 167 -0.63 -7.97 -9.43
CA LEU D 167 -0.04 -8.87 -8.45
C LEU D 167 0.33 -8.12 -7.17
N GLU D 168 -0.40 -8.42 -6.12
CA GLU D 168 -0.33 -7.69 -4.86
C GLU D 168 0.73 -8.26 -3.90
N ALA D 169 0.83 -9.59 -3.83
CA ALA D 169 1.66 -10.25 -2.82
C ALA D 169 2.12 -11.65 -3.19
N ARG D 170 3.19 -12.08 -2.52
CA ARG D 170 3.74 -13.42 -2.69
C ARG D 170 4.21 -14.01 -1.35
N LEU D 171 3.55 -15.10 -0.96
CA LEU D 171 3.87 -15.83 0.25
C LEU D 171 4.68 -17.05 -0.17
N THR D 172 5.94 -17.05 0.22
CA THR D 172 6.90 -18.03 -0.27
C THR D 172 6.81 -19.33 0.51
N LYS D 173 6.94 -20.44 -0.23
CA LYS D 173 6.92 -21.78 0.33
C LYS D 173 5.77 -21.94 1.29
N GLN D 174 4.64 -21.42 0.88
CA GLN D 174 3.40 -21.45 1.64
C GLN D 174 2.78 -22.86 1.71
N PHE D 175 2.95 -23.65 0.66
CA PHE D 175 2.28 -24.96 0.55
C PHE D 175 3.21 -26.01 -0.01
N PHE D 176 3.01 -27.23 0.43
CA PHE D 176 3.81 -28.35 -0.07
C PHE D 176 2.88 -29.26 -0.88
N LEU D 177 2.98 -29.13 -2.20
CA LEU D 177 2.14 -29.92 -3.09
C LEU D 177 2.98 -30.70 -4.11
N LYS D 178 2.57 -31.93 -4.38
CA LYS D 178 3.24 -32.81 -5.35
C LYS D 178 4.74 -32.96 -5.14
N GLY D 179 5.16 -33.02 -3.88
CA GLY D 179 6.56 -33.22 -3.56
C GLY D 179 7.41 -31.98 -3.62
N GLN D 180 6.77 -30.82 -3.65
CA GLN D 180 7.48 -29.54 -3.77
C GLN D 180 6.83 -28.40 -2.99
N TYR D 181 7.62 -27.38 -2.69
CA TYR D 181 7.11 -26.14 -2.10
C TYR D 181 6.55 -25.16 -3.12
N VAL D 182 5.36 -24.62 -2.85
CA VAL D 182 4.73 -23.69 -3.77
C VAL D 182 4.49 -22.31 -3.11
N ASP D 183 4.55 -21.26 -3.92
CA ASP D 183 4.20 -19.94 -3.43
C ASP D 183 2.71 -19.70 -3.55
N ASP D 184 2.24 -18.69 -2.82
CA ASP D 184 0.84 -18.30 -2.86
C ASP D 184 0.88 -16.89 -3.37
N LEU D 185 0.14 -16.62 -4.42
CA LEU D 185 0.21 -15.31 -5.04
C LEU D 185 -1.11 -14.61 -4.83
N ILE D 186 -1.03 -13.33 -4.48
CA ILE D 186 -2.23 -12.57 -4.24
C ILE D 186 -2.38 -11.53 -5.33
N TYR D 187 -3.49 -11.62 -6.03
CA TYR D 187 -3.81 -10.75 -7.15
C TYR D 187 -5.04 -9.94 -6.77
N SER D 188 -5.10 -8.70 -7.25
CA SER D 188 -6.19 -7.82 -6.88
C SER D 188 -6.65 -6.96 -8.05
N TYR D 189 -7.92 -6.60 -8.02
CA TYR D 189 -8.51 -5.71 -9.02
C TYR D 189 -9.19 -4.55 -8.35
N ASP D 190 -8.71 -3.33 -8.63
CA ASP D 190 -9.20 -2.10 -8.03
C ASP D 190 -10.51 -1.62 -8.67
N LEU D 191 -11.64 -2.04 -8.10
CA LEU D 191 -12.94 -1.66 -8.64
C LEU D 191 -13.09 -0.14 -8.88
N GLU D 192 -12.88 0.68 -7.85
CA GLU D 192 -13.04 2.12 -7.99
C GLU D 192 -12.61 2.66 -9.35
N1A COA E . -6.51 31.66 3.52
C2A COA E . -7.79 31.83 4.25
N3A COA E . -8.36 30.65 5.00
C4A COA E . -7.64 29.39 5.01
C5A COA E . -6.37 29.24 4.29
C6A COA E . -5.79 30.39 3.53
N6A COA E . -4.53 30.18 2.84
N7A COA E . -5.85 27.87 4.46
C8A COA E . -6.81 27.19 5.30
N9A COA E . -7.86 28.16 5.71
C1B COA E . -9.01 27.59 6.20
C2B COA E . -10.43 27.86 5.75
O2B COA E . -10.99 29.11 5.51
C3B COA E . -11.16 26.59 5.79
O3B COA E . -12.45 26.42 5.29
P3B COA E . -12.64 26.51 3.62
O7A COA E . -14.08 25.76 3.32
O8A COA E . -12.72 28.08 3.09
O9A COA E . -11.53 25.89 2.92
C4B COA E . -10.17 25.53 6.23
O4B COA E . -8.85 26.16 6.43
C5B COA E . -10.22 24.04 6.19
O5B COA E . -9.42 24.02 5.02
P1A COA E . -8.39 22.83 4.56
O1A COA E . -8.48 22.67 2.92
O2A COA E . -8.77 21.60 5.25
O3A COA E . -6.85 23.23 4.97
P2A COA E . -5.52 22.69 4.20
O4A COA E . -5.22 23.65 2.89
O5A COA E . -5.65 21.30 3.78
O6A COA E . -4.23 22.87 5.22
CBP COA E . -2.82 23.95 6.69
CCP COA E . -4.27 23.88 6.19
CDP COA E . -2.45 22.55 7.26
CEP COA E . -2.64 25.08 7.73
CAP COA E . -1.91 24.21 5.46
OAP COA E . -1.94 25.54 5.02
C9P COA E . -0.45 23.93 5.84
O9P COA E . 0.08 23.00 5.34
N8P COA E . 0.40 25.06 6.16
C7P COA E . 1.81 24.81 5.92
C6P COA E . 2.63 24.95 7.20
C5P COA E . 1.80 24.59 8.43
O5P COA E . 1.58 23.46 8.68
N4P COA E . 1.37 25.61 9.37
C3P COA E . 1.14 25.30 10.80
C2P COA E . 0.77 23.85 11.10
S1P COA E . 2.05 23.15 12.19
N1A COA F . 7.86 2.13 20.66
C2A COA F . 9.12 1.80 19.96
N3A COA F . 9.65 0.39 19.99
C4A COA F . 8.89 -0.61 20.71
C5A COA F . 7.62 -0.28 21.38
C6A COA F . 7.09 1.12 21.36
N6A COA F . 5.85 1.40 22.04
N7A COA F . 7.04 -1.47 22.03
C8A COA F . 7.97 -2.55 21.74
N9A COA F . 9.05 -2.04 20.84
C1B COA F . 10.17 -2.83 20.76
C2B COA F . 11.61 -2.39 20.99
O2B COA F . 12.24 -1.29 20.45
C3B COA F . 12.29 -3.45 21.77
O3B COA F . 13.56 -3.31 22.31
P3B COA F . 13.73 -2.19 23.55
O7A COA F . 12.48 -2.16 24.63
O8A COA F . 15.10 -2.58 24.37
O9A COA F . 13.82 -0.83 22.99
C4B COA F . 11.25 -4.51 22.05
O4B COA F . 9.95 -4.11 21.47
C5B COA F . 11.22 -5.68 22.96
O5B COA F . 10.18 -5.07 23.69
P1A COA F . 9.23 -5.86 24.78
O1A COA F . 9.36 -5.13 26.25
O2A COA F . 9.61 -7.27 24.82
O3A COA F . 7.72 -5.64 24.21
P2A COA F . 6.41 -5.63 25.16
O4A COA F . 6.11 -4.06 25.57
O5A COA F . 6.62 -6.48 26.33
O6A COA F . 5.12 -6.06 24.23
CBP COA F . 3.65 -5.85 22.37
CCP COA F . 5.12 -5.75 22.85
CDP COA F . 3.17 -7.33 22.48
CEP COA F . 3.54 -5.40 20.90
CAP COA F . 2.78 -4.93 23.30
OAP COA F . 2.87 -3.58 22.94
C9P COA F . 1.28 -5.26 23.22
O9P COA F . 0.82 -6.05 23.96
N8P COA F . 0.41 -4.30 22.59
C7P COA F . -1.03 -4.59 22.54
C6P COA F . -1.40 -4.69 21.05
C5P COA F . -0.92 -6.04 20.49
O5P COA F . -0.88 -6.95 21.24
N4P COA F . -0.01 -6.16 19.38
C3P COA F . 0.56 -7.50 19.20
C2P COA F . 0.17 -8.06 17.81
S1P COA F . -1.21 -9.22 18.01
N1A COA G . 0.09 19.26 -12.96
C2A COA G . 0.33 20.62 -13.52
N3A COA G . 1.69 21.02 -14.03
C4A COA G . 2.77 20.05 -13.94
C5A COA G . 2.56 18.70 -13.37
C6A COA G . 1.19 18.29 -12.87
N6A COA G . 0.99 16.95 -12.34
N7A COA G . 3.83 17.96 -13.42
C8A COA G . 4.83 18.85 -14.00
N9A COA G . 4.15 20.13 -14.37
C1B COA G . 4.88 21.28 -14.75
C2B COA G . 4.64 22.70 -14.20
O2B COA G . 3.46 23.18 -13.62
C3B COA G . 5.85 23.52 -14.46
O3B COA G . 6.05 24.82 -13.98
P3B COA G . 5.96 25.06 -12.32
O7A COA G . 5.83 23.64 -11.47
O8A COA G . 7.36 25.81 -11.85
O9A COA G . 4.82 25.92 -11.96
C4B COA G . 6.84 22.59 -15.18
O4B COA G . 6.23 21.23 -15.31
C5B COA G . 8.28 22.86 -15.52
O5B COA G . 8.82 22.37 -14.33
P1A COA G . 9.84 21.08 -14.13
O1A COA G . 10.19 20.98 -12.52
O2A COA G . 11.08 21.30 -14.88
O3A COA G . 9.14 19.63 -14.46
P2A COA G . 9.92 18.18 -14.23
O4A COA G . 9.14 17.38 -13.02
O5A COA G . 11.35 18.28 -14.01
O6A COA G . 9.74 17.27 -15.60
CBP COA G . 8.48 15.69 -16.78
CCP COA G . 8.47 17.11 -16.19
CDP COA G . 9.88 15.56 -17.46
CEP COA G . 7.34 15.54 -17.82
CAP COA G . 8.31 14.64 -15.63
OAP COA G . 7.01 14.67 -15.09
C9P COA G . 8.60 13.21 -16.11
O9P COA G . 9.73 12.83 -16.23
N8P COA G . 7.51 12.22 -16.09
C7P COA G . 7.78 10.84 -16.44
C6P COA G . 7.14 10.49 -17.80
C5P COA G . 7.55 11.51 -18.88
O5P COA G . 8.66 11.51 -19.30
N4P COA G . 6.56 12.34 -19.56
C3P COA G . 7.04 13.16 -20.68
C2P COA G . 7.56 12.28 -21.83
S1P COA G . 7.11 12.99 -23.44
N1A COA H . -1.84 -19.99 -21.29
C2A COA H . -1.77 -18.53 -21.61
N3A COA H . -2.99 -17.65 -21.40
C4A COA H . -4.23 -18.27 -20.89
C5A COA H . -4.29 -19.72 -20.59
C6A COA H . -3.09 -20.59 -20.79
N6A COA H . -3.25 -22.00 -20.48
N7A COA H . -5.64 -20.09 -20.10
C8A COA H . -6.42 -18.86 -20.10
N9A COA H . -5.54 -17.72 -20.53
C1B COA H . -6.11 -16.50 -20.95
C2B COA H . -5.65 -15.69 -22.14
O2B COA H . -4.33 -15.64 -22.60
C3B COA H . -6.82 -14.90 -22.60
O3B COA H . -6.80 -14.19 -23.81
P3B COA H . -6.61 -15.23 -25.12
O7A COA H . -6.00 -14.34 -26.38
O8A COA H . -5.62 -16.52 -24.78
O9A COA H . -7.88 -15.85 -25.45
C4B COA H . -8.04 -15.27 -21.76
O4B COA H . -7.56 -16.26 -20.77
C5B COA H . -9.51 -14.86 -21.87
O5B COA H . -10.43 -15.85 -21.40
P1A COA H . -10.38 -17.50 -21.67
O1A COA H . -8.92 -18.11 -21.26
O2A COA H . -10.68 -17.92 -23.05
O3A COA H . -11.42 -18.26 -20.67
P2A COA H . -10.94 -19.72 -20.04
O4A COA H . -9.81 -20.51 -20.93
O5A COA H . -12.16 -20.51 -19.92
O6A COA H . -10.26 -19.49 -18.56
CBP COA H . -9.22 -20.84 -16.92
CCP COA H . -10.53 -20.47 -17.61
CDP COA H . -8.30 -19.60 -16.99
CEP COA H . -8.52 -22.10 -17.48
CAP COA H . -9.59 -21.09 -15.45
OAP COA H . -8.58 -20.49 -14.68
C9P COA H . -9.74 -22.63 -15.27
O9P COA H . -10.77 -23.17 -15.50
N8P COA H . -8.60 -23.45 -14.88
C7P COA H . -8.73 -24.41 -13.79
C6P COA H . -9.32 -23.64 -12.56
C5P COA H . -8.27 -22.65 -12.04
O5P COA H . -7.14 -22.90 -12.25
N4P COA H . -8.57 -21.24 -11.73
C3P COA H . -9.69 -20.78 -10.90
C2P COA H . -9.33 -20.42 -9.43
S1P COA H . -7.67 -19.68 -9.26
#